data_7LGL
#
_entry.id   7LGL
#
_entity_poly.entity_id   1
_entity_poly.type   'polypeptide(L)'
_entity_poly.pdbx_seq_one_letter_code
;KIKSGWERLTSESEYACPAIDKFCEDHCAAKKAVGKCDDFKCNCIKL
;
_entity_poly.pdbx_strand_id   A
#
# COMPACT_ATOMS: atom_id res chain seq x y z
N LYS A 1 -25.49 -11.89 4.83
CA LYS A 1 -25.03 -12.91 3.84
C LYS A 1 -25.47 -12.56 2.43
N ILE A 2 -24.67 -12.93 1.42
CA ILE A 2 -25.06 -12.89 0.00
C ILE A 2 -25.85 -14.16 -0.40
N LYS A 3 -26.77 -14.07 -1.38
CA LYS A 3 -27.67 -15.16 -1.78
C LYS A 3 -26.98 -16.36 -2.47
N SER A 4 -25.82 -16.14 -3.10
CA SER A 4 -24.97 -17.23 -3.60
C SER A 4 -24.41 -18.07 -2.44
N GLY A 5 -24.10 -19.35 -2.68
CA GLY A 5 -23.56 -20.25 -1.65
C GLY A 5 -22.23 -19.74 -1.10
N TRP A 6 -21.24 -19.62 -1.98
CA TRP A 6 -19.96 -18.96 -1.76
C TRP A 6 -20.03 -17.45 -2.06
N GLU A 7 -19.11 -16.69 -1.48
CA GLU A 7 -19.04 -15.22 -1.55
C GLU A 7 -17.69 -14.70 -2.10
N ARG A 8 -16.76 -15.61 -2.43
CA ARG A 8 -15.36 -15.36 -2.79
C ARG A 8 -15.16 -14.43 -3.99
N LEU A 9 -14.30 -13.42 -3.81
CA LEU A 9 -14.06 -12.28 -4.68
C LEU A 9 -13.08 -12.58 -5.82
N THR A 10 -12.00 -13.28 -5.49
CA THR A 10 -10.91 -13.72 -6.40
C THR A 10 -10.18 -12.56 -7.13
N SER A 11 -10.00 -11.42 -6.45
CA SER A 11 -9.38 -10.21 -7.03
C SER A 11 -7.88 -10.08 -6.74
N GLU A 12 -7.07 -9.88 -7.79
CA GLU A 12 -5.61 -9.80 -7.73
C GLU A 12 -5.08 -8.63 -6.90
N SER A 13 -5.90 -7.60 -6.66
CA SER A 13 -5.57 -6.43 -5.82
C SER A 13 -5.29 -6.78 -4.34
N GLU A 14 -5.54 -8.04 -3.95
CA GLU A 14 -5.15 -8.60 -2.65
C GLU A 14 -3.62 -8.75 -2.48
N TYR A 15 -2.88 -8.85 -3.60
CA TYR A 15 -1.41 -9.03 -3.61
C TYR A 15 -0.66 -8.18 -4.66
N ALA A 16 -1.33 -7.67 -5.70
CA ALA A 16 -0.75 -6.71 -6.64
C ALA A 16 -0.47 -5.35 -5.97
N CYS A 17 0.69 -4.76 -6.25
CA CYS A 17 1.22 -3.53 -5.63
C CYS A 17 1.16 -3.54 -4.09
N PRO A 18 2.12 -4.20 -3.39
CA PRO A 18 2.12 -4.33 -1.93
C PRO A 18 2.56 -3.05 -1.20
N ALA A 19 2.35 -3.01 0.11
CA ALA A 19 2.84 -2.00 1.05
C ALA A 19 4.34 -2.21 1.32
N ILE A 20 5.14 -1.90 0.29
CA ILE A 20 6.58 -2.15 0.20
C ILE A 20 7.45 -1.27 1.13
N ASP A 21 7.05 -0.04 1.45
CA ASP A 21 7.85 0.90 2.26
C ASP A 21 7.26 1.16 3.67
N LYS A 22 8.11 1.04 4.70
CA LYS A 22 7.76 1.37 6.09
C LYS A 22 7.44 2.85 6.28
N PHE A 23 8.07 3.72 5.49
CA PHE A 23 7.76 5.16 5.40
C PHE A 23 6.36 5.47 4.85
N CYS A 24 5.65 4.48 4.29
CA CYS A 24 4.22 4.59 3.96
C CYS A 24 3.33 3.92 5.02
N GLU A 25 3.59 2.67 5.42
CA GLU A 25 2.63 1.92 6.27
C GLU A 25 2.74 2.17 7.79
N ASP A 26 3.77 2.86 8.29
CA ASP A 26 3.86 3.31 9.69
C ASP A 26 2.73 4.31 10.03
N HIS A 27 2.38 5.21 9.09
CA HIS A 27 1.19 6.06 9.22
C HIS A 27 -0.11 5.24 9.29
N CYS A 28 -0.23 4.14 8.54
CA CYS A 28 -1.41 3.27 8.61
C CYS A 28 -1.47 2.48 9.92
N ALA A 29 -0.31 2.03 10.45
CA ALA A 29 -0.21 1.32 11.73
C ALA A 29 -0.77 2.14 12.90
N ALA A 30 -0.49 3.45 12.93
CA ALA A 30 -0.99 4.38 13.95
C ALA A 30 -2.52 4.50 14.01
N LYS A 31 -3.24 4.08 12.96
CA LYS A 31 -4.70 4.05 12.86
C LYS A 31 -5.26 2.63 12.72
N LYS A 32 -4.39 1.61 12.82
CA LYS A 32 -4.66 0.17 12.56
C LYS A 32 -5.33 -0.11 11.22
N ALA A 33 -5.05 0.74 10.23
CA ALA A 33 -5.39 0.57 8.82
C ALA A 33 -4.24 -0.17 8.09
N VAL A 34 -4.45 -0.52 6.82
CA VAL A 34 -3.46 -1.25 5.99
C VAL A 34 -2.98 -0.32 4.87
N GLY A 35 -1.70 -0.38 4.50
CA GLY A 35 -1.14 0.41 3.40
C GLY A 35 -1.68 -0.02 2.03
N LYS A 36 -1.86 0.95 1.11
CA LYS A 36 -2.42 0.77 -0.22
C LYS A 36 -1.74 1.60 -1.30
N CYS A 37 -1.80 1.10 -2.54
CA CYS A 37 -1.36 1.81 -3.74
C CYS A 37 -2.50 2.49 -4.53
N ASP A 38 -2.11 3.52 -5.26
CA ASP A 38 -2.83 4.11 -6.40
C ASP A 38 -1.80 4.31 -7.53
N ASP A 39 -2.13 4.98 -8.64
CA ASP A 39 -1.23 5.13 -9.79
C ASP A 39 0.13 5.81 -9.49
N PHE A 40 0.28 6.52 -8.37
CA PHE A 40 1.55 7.19 -8.01
C PHE A 40 1.86 7.22 -6.50
N LYS A 41 0.84 7.22 -5.61
CA LYS A 41 0.99 7.48 -4.17
C LYS A 41 0.57 6.33 -3.26
N CYS A 42 1.05 6.40 -2.02
CA CYS A 42 0.69 5.55 -0.88
C CYS A 42 -0.55 6.08 -0.15
N ASN A 43 -1.58 5.26 0.06
CA ASN A 43 -2.76 5.58 0.89
C ASN A 43 -2.95 4.52 2.00
N CYS A 44 -3.94 4.66 2.87
CA CYS A 44 -4.36 3.60 3.80
C CYS A 44 -5.81 3.18 3.53
N ILE A 45 -6.20 1.97 3.95
CA ILE A 45 -7.59 1.50 3.92
C ILE A 45 -8.51 2.44 4.72
N LYS A 46 -9.68 2.77 4.15
CA LYS A 46 -10.69 3.69 4.71
C LYS A 46 -11.27 3.18 6.05
N LEU A 47 -11.71 4.11 6.91
CA LEU A 47 -12.31 3.86 8.22
C LEU A 47 -13.75 4.40 8.31
N LYS A 1 -30.90 -4.00 -17.22
CA LYS A 1 -30.58 -4.63 -15.91
C LYS A 1 -29.19 -5.25 -15.93
N ILE A 2 -28.42 -5.06 -14.86
CA ILE A 2 -27.10 -5.66 -14.64
C ILE A 2 -27.27 -7.01 -13.95
N LYS A 3 -26.45 -8.01 -14.31
CA LYS A 3 -26.53 -9.38 -13.75
C LYS A 3 -25.34 -9.76 -12.85
N SER A 4 -24.17 -9.15 -13.03
CA SER A 4 -22.96 -9.39 -12.21
C SER A 4 -22.00 -8.19 -12.23
N GLY A 5 -21.11 -8.08 -11.24
CA GLY A 5 -20.12 -7.01 -11.07
C GLY A 5 -18.92 -7.06 -12.04
N TRP A 6 -19.19 -7.21 -13.34
CA TRP A 6 -18.21 -7.25 -14.42
C TRP A 6 -17.39 -5.96 -14.58
N GLU A 7 -16.24 -6.07 -15.24
CA GLU A 7 -15.23 -5.02 -15.52
C GLU A 7 -14.56 -4.38 -14.27
N ARG A 8 -15.19 -4.45 -13.09
CA ARG A 8 -14.62 -4.06 -11.79
C ARG A 8 -13.47 -5.00 -11.37
N LEU A 9 -12.44 -4.46 -10.73
CA LEU A 9 -11.37 -5.26 -10.09
C LEU A 9 -11.94 -6.15 -8.97
N THR A 10 -11.44 -7.39 -8.85
CA THR A 10 -11.93 -8.39 -7.86
C THR A 10 -10.93 -8.69 -6.74
N SER A 11 -9.77 -8.04 -6.78
CA SER A 11 -8.65 -8.19 -5.85
C SER A 11 -7.73 -6.97 -5.95
N GLU A 12 -6.92 -6.70 -4.92
CA GLU A 12 -5.87 -5.66 -4.92
C GLU A 12 -4.45 -6.22 -4.81
N SER A 13 -4.29 -7.46 -4.33
CA SER A 13 -3.01 -8.07 -3.91
C SER A 13 -2.27 -8.86 -5.00
N GLU A 14 -2.78 -8.92 -6.24
CA GLU A 14 -2.22 -9.74 -7.32
C GLU A 14 -0.81 -9.31 -7.79
N TYR A 15 -0.53 -8.00 -7.75
CA TYR A 15 0.65 -7.36 -8.34
C TYR A 15 1.81 -7.13 -7.35
N ALA A 16 2.99 -6.80 -7.87
CA ALA A 16 4.18 -6.49 -7.05
C ALA A 16 4.09 -5.13 -6.33
N CYS A 17 4.17 -5.11 -4.99
CA CYS A 17 4.14 -3.88 -4.19
C CYS A 17 5.44 -3.03 -4.27
N PRO A 18 5.36 -1.70 -4.50
CA PRO A 18 6.52 -0.79 -4.42
C PRO A 18 7.06 -0.55 -2.99
N ALA A 19 6.34 -1.00 -1.96
CA ALA A 19 6.55 -0.69 -0.54
C ALA A 19 7.76 -1.39 0.13
N ILE A 20 8.93 -1.36 -0.50
CA ILE A 20 10.19 -1.79 0.14
C ILE A 20 10.63 -0.81 1.25
N ASP A 21 10.27 0.46 1.12
CA ASP A 21 10.38 1.48 2.17
C ASP A 21 9.19 1.37 3.15
N LYS A 22 9.41 1.63 4.44
CA LYS A 22 8.41 1.40 5.51
C LYS A 22 7.59 2.64 5.89
N PHE A 23 7.98 3.79 5.36
CA PHE A 23 7.42 5.14 5.60
C PHE A 23 5.88 5.22 5.58
N CYS A 24 5.23 4.69 4.53
CA CYS A 24 3.77 4.64 4.42
C CYS A 24 3.14 3.51 5.28
N GLU A 25 3.89 2.45 5.56
CA GLU A 25 3.40 1.26 6.27
C GLU A 25 3.32 1.48 7.80
N ASP A 26 4.34 2.12 8.38
CA ASP A 26 4.32 2.57 9.78
C ASP A 26 3.30 3.70 10.01
N HIS A 27 3.00 4.50 8.98
CA HIS A 27 1.95 5.54 9.02
C HIS A 27 0.55 4.95 9.14
N CYS A 28 0.17 4.00 8.28
CA CYS A 28 -1.17 3.39 8.34
C CYS A 28 -1.45 2.63 9.64
N ALA A 29 -0.41 2.07 10.28
CA ALA A 29 -0.53 1.40 11.58
C ALA A 29 -1.04 2.33 12.69
N ALA A 30 -0.74 3.64 12.64
CA ALA A 30 -1.25 4.62 13.61
C ALA A 30 -2.74 4.98 13.41
N LYS A 31 -3.31 4.69 12.23
CA LYS A 31 -4.72 4.99 11.87
C LYS A 31 -5.66 3.79 11.98
N LYS A 32 -5.19 2.66 12.54
CA LYS A 32 -5.87 1.34 12.53
C LYS A 32 -6.28 0.89 11.13
N ALA A 33 -5.30 0.93 10.22
CA ALA A 33 -5.43 0.60 8.80
C ALA A 33 -4.14 -0.09 8.25
N VAL A 34 -4.12 -0.43 6.96
CA VAL A 34 -2.98 -1.06 6.26
C VAL A 34 -2.66 -0.35 4.93
N GLY A 35 -1.39 -0.34 4.50
CA GLY A 35 -0.93 0.45 3.36
C GLY A 35 -1.37 -0.07 1.98
N LYS A 36 -1.70 0.87 1.09
CA LYS A 36 -1.99 0.67 -0.34
C LYS A 36 -0.74 0.84 -1.19
N CYS A 37 -0.45 -0.14 -2.05
CA CYS A 37 0.73 -0.23 -2.92
C CYS A 37 0.61 0.52 -4.27
N ASP A 38 -0.11 1.65 -4.33
CA ASP A 38 -0.28 2.40 -5.57
C ASP A 38 0.96 3.26 -5.88
N ASP A 39 1.36 3.31 -7.15
CA ASP A 39 2.65 3.90 -7.53
C ASP A 39 2.70 5.43 -7.44
N PHE A 40 1.56 6.10 -7.58
CA PHE A 40 1.47 7.56 -7.55
C PHE A 40 1.29 8.14 -6.14
N LYS A 41 0.55 7.47 -5.24
CA LYS A 41 0.19 8.00 -3.91
C LYS A 41 -0.13 6.89 -2.90
N CYS A 42 0.51 6.96 -1.73
CA CYS A 42 0.22 6.12 -0.57
C CYS A 42 -1.16 6.46 0.07
N ASN A 43 -1.96 5.45 0.43
CA ASN A 43 -3.25 5.56 1.14
C ASN A 43 -3.45 4.34 2.06
N CYS A 44 -4.40 4.37 3.00
CA CYS A 44 -4.62 3.32 3.99
C CYS A 44 -6.02 2.67 3.91
N ILE A 45 -6.08 1.34 3.79
CA ILE A 45 -7.32 0.54 3.76
C ILE A 45 -7.87 0.29 5.17
N LYS A 46 -9.13 0.66 5.39
CA LYS A 46 -9.89 0.47 6.64
C LYS A 46 -10.45 -0.96 6.78
N LEU A 47 -10.60 -1.43 8.03
CA LEU A 47 -11.21 -2.74 8.38
C LEU A 47 -12.67 -2.85 7.94
N LYS A 1 -2.79 5.78 -13.15
CA LYS A 1 -4.16 5.21 -13.14
C LYS A 1 -5.20 6.33 -13.15
N ILE A 2 -6.27 6.17 -13.94
CA ILE A 2 -7.38 7.15 -14.02
C ILE A 2 -8.75 6.50 -14.25
N LYS A 3 -8.83 5.37 -14.98
CA LYS A 3 -10.11 4.75 -15.38
C LYS A 3 -11.03 4.49 -14.19
N SER A 4 -12.26 5.00 -14.26
CA SER A 4 -13.34 4.71 -13.30
C SER A 4 -14.17 3.50 -13.76
N GLY A 5 -14.97 2.95 -12.84
CA GLY A 5 -15.82 1.78 -13.08
C GLY A 5 -15.92 0.80 -11.92
N TRP A 6 -15.24 1.04 -10.79
CA TRP A 6 -15.16 0.11 -9.65
C TRP A 6 -14.76 0.81 -8.34
N GLU A 7 -15.01 0.17 -7.20
CA GLU A 7 -14.63 0.67 -5.86
C GLU A 7 -13.29 0.13 -5.35
N ARG A 8 -12.93 -1.12 -5.65
CA ARG A 8 -11.75 -1.85 -5.15
C ARG A 8 -10.37 -1.24 -5.46
N LEU A 9 -9.38 -1.45 -4.58
CA LEU A 9 -7.96 -1.17 -4.86
C LEU A 9 -7.34 -2.28 -5.75
N THR A 10 -6.03 -2.25 -5.99
CA THR A 10 -5.34 -3.40 -6.61
C THR A 10 -5.03 -4.47 -5.55
N SER A 11 -4.79 -5.71 -5.98
CA SER A 11 -4.54 -6.87 -5.09
C SER A 11 -3.78 -8.02 -5.76
N GLU A 12 -3.22 -7.78 -6.95
CA GLU A 12 -2.59 -8.77 -7.81
C GLU A 12 -1.12 -9.04 -7.40
N SER A 13 -0.30 -7.97 -7.27
CA SER A 13 1.08 -8.02 -6.77
C SER A 13 1.57 -6.62 -6.37
N GLU A 14 1.53 -5.69 -7.33
CA GLU A 14 2.02 -4.31 -7.23
C GLU A 14 1.23 -3.38 -6.28
N TYR A 15 0.37 -3.93 -5.41
CA TYR A 15 -0.34 -3.22 -4.34
C TYR A 15 0.55 -2.95 -3.10
N ALA A 16 1.51 -3.84 -2.82
CA ALA A 16 2.27 -3.85 -1.57
C ALA A 16 3.51 -2.94 -1.60
N CYS A 17 3.94 -2.51 -0.42
CA CYS A 17 5.24 -1.87 -0.21
C CYS A 17 6.36 -2.94 -0.17
N PRO A 18 7.58 -2.67 -0.67
CA PRO A 18 8.74 -3.54 -0.45
C PRO A 18 9.13 -3.54 1.03
N ALA A 19 9.91 -4.54 1.45
CA ALA A 19 10.19 -4.82 2.87
C ALA A 19 11.07 -3.77 3.58
N ILE A 20 11.67 -2.84 2.83
CA ILE A 20 12.40 -1.68 3.36
C ILE A 20 11.55 -0.40 3.47
N ASP A 21 10.36 -0.34 2.84
CA ASP A 21 9.53 0.86 2.72
C ASP A 21 8.40 0.84 3.77
N LYS A 22 8.62 1.59 4.86
CA LYS A 22 7.69 1.71 6.00
C LYS A 22 7.08 3.11 6.14
N PHE A 23 7.43 4.03 5.24
CA PHE A 23 7.04 5.45 5.26
C PHE A 23 5.52 5.65 5.30
N CYS A 24 4.76 4.82 4.57
CA CYS A 24 3.30 4.81 4.57
C CYS A 24 2.73 3.71 5.47
N GLU A 25 3.21 2.47 5.34
CA GLU A 25 2.52 1.34 5.98
C GLU A 25 2.71 1.25 7.51
N ASP A 26 3.76 1.85 8.09
CA ASP A 26 3.89 1.99 9.55
C ASP A 26 3.16 3.24 10.09
N HIS A 27 3.01 4.29 9.27
CA HIS A 27 2.17 5.45 9.60
C HIS A 27 0.71 5.01 9.73
N CYS A 28 0.17 4.38 8.68
CA CYS A 28 -1.21 3.90 8.69
C CYS A 28 -1.48 2.83 9.76
N ALA A 29 -0.49 2.02 10.15
CA ALA A 29 -0.65 1.08 11.26
C ALA A 29 -0.96 1.78 12.60
N ALA A 30 -0.31 2.93 12.89
CA ALA A 30 -0.63 3.75 14.06
C ALA A 30 -2.05 4.36 13.95
N LYS A 31 -2.46 4.77 12.73
CA LYS A 31 -3.82 5.24 12.41
C LYS A 31 -4.89 4.12 12.31
N LYS A 32 -4.57 2.88 12.72
CA LYS A 32 -5.43 1.67 12.62
C LYS A 32 -5.93 1.40 11.20
N ALA A 33 -5.03 1.43 10.24
CA ALA A 33 -5.27 1.20 8.82
C ALA A 33 -4.14 0.37 8.18
N VAL A 34 -4.36 -0.15 6.97
CA VAL A 34 -3.41 -1.01 6.25
C VAL A 34 -3.00 -0.33 4.95
N GLY A 35 -1.70 -0.06 4.78
CA GLY A 35 -1.16 0.78 3.70
C GLY A 35 -0.72 0.03 2.44
N LYS A 36 -0.94 0.67 1.29
CA LYS A 36 -0.76 0.13 -0.07
C LYS A 36 0.09 1.07 -0.93
N CYS A 37 1.38 0.80 -1.04
CA CYS A 37 2.28 1.60 -1.87
C CYS A 37 1.89 1.54 -3.35
N ASP A 38 1.87 2.70 -3.99
CA ASP A 38 1.71 2.89 -5.44
C ASP A 38 2.92 3.62 -6.05
N ASP A 39 2.97 3.68 -7.38
CA ASP A 39 3.96 4.48 -8.12
C ASP A 39 3.80 6.01 -7.95
N PHE A 40 2.59 6.50 -7.70
CA PHE A 40 2.28 7.93 -7.50
C PHE A 40 2.16 8.28 -6.01
N LYS A 41 1.11 7.76 -5.34
CA LYS A 41 0.78 8.03 -3.93
C LYS A 41 0.20 6.80 -3.23
N CYS A 42 0.73 6.43 -2.06
CA CYS A 42 0.23 5.33 -1.23
C CYS A 42 -1.24 5.53 -0.81
N ASN A 43 -1.95 4.46 -0.46
CA ASN A 43 -3.34 4.55 0.00
C ASN A 43 -3.61 3.60 1.16
N CYS A 44 -4.53 3.95 2.06
CA CYS A 44 -4.85 3.18 3.27
C CYS A 44 -6.36 3.03 3.47
N ILE A 45 -6.75 1.83 3.91
CA ILE A 45 -8.11 1.44 4.30
C ILE A 45 -8.06 0.87 5.72
N LYS A 46 -9.13 1.04 6.50
CA LYS A 46 -9.21 0.62 7.91
C LYS A 46 -8.89 -0.88 8.10
N LEU A 47 -8.38 -1.22 9.29
CA LEU A 47 -7.89 -2.53 9.70
C LEU A 47 -9.02 -3.50 10.07
N LYS A 1 -25.56 -23.33 -0.24
CA LYS A 1 -24.63 -24.46 -0.41
C LYS A 1 -23.40 -23.96 -1.19
N ILE A 2 -22.26 -24.66 -1.18
CA ILE A 2 -21.02 -24.22 -1.86
C ILE A 2 -21.26 -23.94 -3.37
N LYS A 3 -22.07 -24.77 -4.05
CA LYS A 3 -22.50 -24.57 -5.45
C LYS A 3 -23.45 -23.38 -5.68
N SER A 4 -24.09 -22.82 -4.65
CA SER A 4 -25.18 -21.83 -4.77
C SER A 4 -24.72 -20.39 -5.08
N GLY A 5 -23.69 -20.24 -5.91
CA GLY A 5 -23.10 -18.95 -6.25
C GLY A 5 -21.71 -19.07 -6.88
N TRP A 6 -20.94 -17.99 -6.74
CA TRP A 6 -19.64 -17.76 -7.38
C TRP A 6 -18.77 -16.81 -6.54
N GLU A 7 -17.47 -17.11 -6.44
CA GLU A 7 -16.47 -16.24 -5.82
C GLU A 7 -15.26 -16.04 -6.76
N ARG A 8 -14.99 -14.79 -7.13
CA ARG A 8 -13.92 -14.41 -8.08
C ARG A 8 -12.52 -14.52 -7.46
N LEU A 9 -11.58 -15.05 -8.23
CA LEU A 9 -10.16 -15.08 -7.87
C LEU A 9 -9.54 -13.70 -8.17
N THR A 10 -8.92 -13.05 -7.18
CA THR A 10 -8.40 -11.68 -7.32
C THR A 10 -7.24 -11.41 -6.35
N SER A 11 -6.18 -10.78 -6.88
CA SER A 11 -4.91 -10.53 -6.19
C SER A 11 -5.05 -9.62 -4.96
N GLU A 12 -4.22 -9.86 -3.94
CA GLU A 12 -4.21 -9.16 -2.64
C GLU A 12 -3.92 -7.65 -2.75
N SER A 13 -3.38 -7.19 -3.89
CA SER A 13 -3.16 -5.79 -4.25
C SER A 13 -3.40 -5.58 -5.74
N GLU A 14 -3.86 -4.39 -6.12
CA GLU A 14 -4.05 -3.95 -7.50
C GLU A 14 -2.73 -3.56 -8.20
N TYR A 15 -1.67 -3.30 -7.43
CA TYR A 15 -0.33 -2.92 -7.90
C TYR A 15 0.78 -3.50 -7.00
N ALA A 16 1.98 -3.72 -7.56
CA ALA A 16 3.18 -4.13 -6.81
C ALA A 16 3.89 -2.90 -6.21
N CYS A 17 3.88 -2.79 -4.87
CA CYS A 17 4.32 -1.60 -4.12
C CYS A 17 5.80 -1.67 -3.67
N PRO A 18 6.63 -0.62 -3.87
CA PRO A 18 8.04 -0.61 -3.45
C PRO A 18 8.21 -0.41 -1.94
N ALA A 19 8.94 -1.31 -1.28
CA ALA A 19 9.11 -1.34 0.19
C ALA A 19 10.09 -0.29 0.77
N ILE A 20 10.86 0.42 -0.06
CA ILE A 20 11.69 1.56 0.40
C ILE A 20 10.84 2.71 0.94
N ASP A 21 9.64 2.91 0.38
CA ASP A 21 8.62 3.84 0.88
C ASP A 21 7.90 3.24 2.10
N LYS A 22 8.64 2.95 3.19
CA LYS A 22 8.10 2.29 4.39
C LYS A 22 6.95 3.07 5.06
N PHE A 23 6.86 4.38 4.83
CA PHE A 23 5.72 5.21 5.20
C PHE A 23 4.38 4.73 4.58
N CYS A 24 4.43 4.01 3.46
CA CYS A 24 3.28 3.33 2.84
C CYS A 24 2.63 2.31 3.80
N GLU A 25 3.42 1.70 4.69
CA GLU A 25 2.94 0.69 5.65
C GLU A 25 2.84 1.27 7.08
N ASP A 26 3.89 1.95 7.57
CA ASP A 26 3.97 2.41 8.97
C ASP A 26 3.04 3.60 9.30
N HIS A 27 2.60 4.40 8.32
CA HIS A 27 1.60 5.46 8.55
C HIS A 27 0.27 4.91 9.08
N CYS A 28 -0.08 3.67 8.71
CA CYS A 28 -1.36 3.04 9.05
C CYS A 28 -1.52 2.66 10.53
N ALA A 29 -0.41 2.56 11.29
CA ALA A 29 -0.46 2.08 12.67
C ALA A 29 -1.26 3.03 13.60
N ALA A 30 -1.18 4.34 13.38
CA ALA A 30 -1.85 5.37 14.18
C ALA A 30 -3.40 5.29 14.17
N LYS A 31 -4.01 4.56 13.23
CA LYS A 31 -5.45 4.22 13.19
C LYS A 31 -5.71 2.71 12.98
N LYS A 32 -4.69 1.86 13.18
CA LYS A 32 -4.69 0.40 12.99
C LYS A 32 -5.16 -0.07 11.59
N ALA A 33 -4.96 0.76 10.57
CA ALA A 33 -5.38 0.50 9.19
C ALA A 33 -4.36 -0.38 8.43
N VAL A 34 -4.34 -0.37 7.09
CA VAL A 34 -3.51 -1.26 6.25
C VAL A 34 -2.98 -0.52 5.02
N GLY A 35 -1.68 -0.70 4.70
CA GLY A 35 -1.01 0.03 3.62
C GLY A 35 -1.44 -0.41 2.20
N LYS A 36 -1.46 0.54 1.25
CA LYS A 36 -1.86 0.32 -0.15
C LYS A 36 -1.12 1.26 -1.10
N CYS A 37 -0.82 0.83 -2.32
CA CYS A 37 -0.32 1.71 -3.40
C CYS A 37 -1.38 1.98 -4.49
N ASP A 38 -1.21 3.11 -5.18
CA ASP A 38 -2.12 3.62 -6.23
C ASP A 38 -1.32 4.34 -7.34
N ASP A 39 -2.00 5.01 -8.27
CA ASP A 39 -1.47 5.62 -9.50
C ASP A 39 -0.40 6.72 -9.37
N PHE A 40 -0.16 7.21 -8.16
CA PHE A 40 0.97 8.09 -7.84
C PHE A 40 1.63 7.80 -6.49
N LYS A 41 0.87 7.81 -5.38
CA LYS A 41 1.36 7.68 -4.00
C LYS A 41 0.49 6.73 -3.18
N CYS A 42 1.07 6.08 -2.16
CA CYS A 42 0.35 5.14 -1.29
C CYS A 42 -0.83 5.79 -0.54
N ASN A 43 -1.90 5.03 -0.31
CA ASN A 43 -3.13 5.56 0.27
C ASN A 43 -3.80 4.53 1.20
N CYS A 44 -3.49 4.62 2.49
CA CYS A 44 -3.88 3.64 3.51
C CYS A 44 -5.40 3.41 3.57
N ILE A 45 -5.81 2.18 3.94
CA ILE A 45 -7.21 1.75 4.08
C ILE A 45 -8.02 2.66 5.02
N LYS A 46 -9.30 2.86 4.70
CA LYS A 46 -10.30 3.52 5.57
C LYS A 46 -11.24 2.49 6.20
N LEU A 47 -11.72 2.78 7.42
CA LEU A 47 -12.59 1.91 8.24
C LEU A 47 -13.60 2.68 9.12
N LYS A 1 -20.16 -25.22 -7.52
CA LYS A 1 -18.80 -24.91 -7.00
C LYS A 1 -18.40 -25.86 -5.87
N ILE A 2 -17.10 -25.99 -5.62
CA ILE A 2 -16.53 -26.67 -4.43
C ILE A 2 -16.80 -25.82 -3.18
N LYS A 3 -17.05 -26.45 -2.02
CA LYS A 3 -17.15 -25.78 -0.71
C LYS A 3 -15.83 -25.14 -0.28
N SER A 4 -15.59 -23.91 -0.73
CA SER A 4 -14.46 -23.05 -0.38
C SER A 4 -14.82 -21.61 -0.73
N GLY A 5 -14.32 -20.63 0.04
CA GLY A 5 -14.69 -19.21 -0.12
C GLY A 5 -14.85 -18.44 1.19
N TRP A 6 -15.21 -19.12 2.28
CA TRP A 6 -15.39 -18.50 3.59
C TRP A 6 -14.05 -18.16 4.26
N GLU A 7 -14.02 -17.08 5.05
CA GLU A 7 -12.81 -16.54 5.71
C GLU A 7 -11.68 -16.11 4.75
N ARG A 8 -11.95 -15.94 3.45
CA ARG A 8 -11.01 -15.34 2.50
C ARG A 8 -10.77 -13.85 2.79
N LEU A 9 -9.59 -13.36 2.41
CA LEU A 9 -9.20 -11.96 2.62
C LEU A 9 -9.87 -10.99 1.64
N THR A 10 -10.02 -9.73 2.07
CA THR A 10 -10.47 -8.64 1.20
C THR A 10 -9.46 -8.33 0.10
N SER A 11 -8.15 -8.48 0.36
CA SER A 11 -7.09 -8.20 -0.62
C SER A 11 -7.16 -9.11 -1.85
N GLU A 12 -6.99 -8.51 -3.03
CA GLU A 12 -7.04 -9.16 -4.36
C GLU A 12 -5.71 -8.99 -5.16
N SER A 13 -4.83 -8.12 -4.65
CA SER A 13 -3.56 -7.68 -5.25
C SER A 13 -2.51 -7.55 -4.15
N GLU A 14 -1.23 -7.51 -4.53
CA GLU A 14 -0.09 -7.65 -3.61
C GLU A 14 0.98 -6.53 -3.76
N TYR A 15 0.55 -5.34 -4.22
CA TYR A 15 1.40 -4.15 -4.42
C TYR A 15 2.04 -3.64 -3.12
N ALA A 16 3.30 -3.23 -3.18
CA ALA A 16 4.13 -2.80 -2.05
C ALA A 16 5.26 -1.83 -2.46
N CYS A 17 5.96 -1.23 -1.49
CA CYS A 17 7.15 -0.38 -1.70
C CYS A 17 8.44 -1.02 -1.14
N PRO A 18 9.04 -1.99 -1.85
CA PRO A 18 10.15 -2.81 -1.33
C PRO A 18 11.51 -2.11 -1.18
N ALA A 19 11.71 -0.94 -1.80
CA ALA A 19 13.02 -0.27 -1.89
C ALA A 19 13.11 1.07 -1.14
N ILE A 20 11.99 1.59 -0.62
CA ILE A 20 11.91 2.86 0.12
C ILE A 20 11.60 2.63 1.61
N ASP A 21 11.90 3.61 2.47
CA ASP A 21 11.64 3.57 3.92
C ASP A 21 10.12 3.48 4.23
N LYS A 22 9.73 2.94 5.39
CA LYS A 22 8.34 2.58 5.76
C LYS A 22 7.42 3.75 6.17
N PHE A 23 7.71 4.93 5.65
CA PHE A 23 7.06 6.20 6.01
C PHE A 23 5.59 6.28 5.58
N CYS A 24 5.16 5.50 4.58
CA CYS A 24 3.75 5.33 4.22
C CYS A 24 3.03 4.33 5.14
N GLU A 25 3.46 3.07 5.10
CA GLU A 25 2.74 1.91 5.63
C GLU A 25 2.84 1.70 7.14
N ASP A 26 3.93 2.11 7.80
CA ASP A 26 4.09 1.97 9.27
C ASP A 26 3.22 3.01 10.02
N HIS A 27 3.02 4.18 9.41
CA HIS A 27 2.13 5.23 9.92
C HIS A 27 0.65 4.84 9.75
N CYS A 28 0.28 4.23 8.62
CA CYS A 28 -1.07 3.69 8.43
C CYS A 28 -1.39 2.58 9.45
N ALA A 29 -0.44 1.67 9.71
CA ALA A 29 -0.59 0.61 10.72
C ALA A 29 -0.86 1.18 12.12
N ALA A 30 -0.07 2.17 12.57
CA ALA A 30 -0.26 2.84 13.87
C ALA A 30 -1.60 3.59 13.97
N LYS A 31 -2.14 4.07 12.85
CA LYS A 31 -3.36 4.89 12.77
C LYS A 31 -4.61 4.13 12.31
N LYS A 32 -4.66 2.80 12.50
CA LYS A 32 -5.83 1.94 12.19
C LYS A 32 -6.27 2.05 10.71
N ALA A 33 -5.32 1.91 9.79
CA ALA A 33 -5.56 1.87 8.34
C ALA A 33 -4.69 0.82 7.63
N VAL A 34 -5.20 0.24 6.54
CA VAL A 34 -4.54 -0.86 5.80
C VAL A 34 -3.38 -0.34 4.94
N GLY A 35 -2.24 -1.03 4.96
CA GLY A 35 -1.07 -0.73 4.12
C GLY A 35 -1.39 -0.76 2.62
N LYS A 36 -1.03 0.32 1.92
CA LYS A 36 -1.38 0.58 0.51
C LYS A 36 -0.23 1.24 -0.28
N CYS A 37 1.01 0.95 0.08
CA CYS A 37 2.14 1.58 -0.59
C CYS A 37 2.28 1.07 -2.03
N ASP A 38 2.38 1.99 -2.99
CA ASP A 38 2.42 1.72 -4.43
C ASP A 38 3.31 2.75 -5.17
N ASP A 39 3.60 2.58 -6.47
CA ASP A 39 4.61 3.34 -7.22
C ASP A 39 4.57 4.88 -6.97
N PHE A 40 3.37 5.48 -6.97
CA PHE A 40 3.14 6.91 -6.69
C PHE A 40 1.99 7.17 -5.69
N LYS A 41 1.55 6.16 -4.95
CA LYS A 41 0.37 6.23 -4.05
C LYS A 41 0.62 5.61 -2.66
N CYS A 42 -0.23 5.99 -1.71
CA CYS A 42 -0.30 5.47 -0.34
C CYS A 42 -1.73 5.61 0.22
N ASN A 43 -2.73 5.21 -0.56
CA ASN A 43 -4.16 5.46 -0.32
C ASN A 43 -4.76 4.51 0.76
N CYS A 44 -4.17 4.49 1.96
CA CYS A 44 -4.47 3.53 3.03
C CYS A 44 -5.95 3.45 3.38
N ILE A 45 -6.50 2.24 3.37
CA ILE A 45 -7.94 1.99 3.58
C ILE A 45 -8.29 2.22 5.04
N LYS A 46 -9.19 3.17 5.32
CA LYS A 46 -9.74 3.41 6.67
C LYS A 46 -10.60 2.21 7.11
N LEU A 47 -10.29 1.64 8.27
CA LEU A 47 -11.05 0.55 8.91
C LEU A 47 -12.42 1.00 9.43
N LYS A 1 -22.27 15.80 -0.22
CA LYS A 1 -23.36 16.16 -1.16
C LYS A 1 -23.66 15.06 -2.17
N ILE A 2 -22.71 14.71 -3.06
CA ILE A 2 -22.89 13.71 -4.13
C ILE A 2 -23.09 12.30 -3.52
N LYS A 3 -24.21 11.65 -3.85
CA LYS A 3 -24.59 10.32 -3.37
C LYS A 3 -23.70 9.20 -3.92
N SER A 4 -23.41 8.19 -3.09
CA SER A 4 -22.65 6.99 -3.48
C SER A 4 -23.51 5.72 -3.44
N GLY A 5 -23.26 4.78 -4.36
CA GLY A 5 -23.95 3.51 -4.46
C GLY A 5 -23.44 2.44 -3.49
N TRP A 6 -24.08 1.29 -3.57
CA TRP A 6 -23.91 0.14 -2.66
C TRP A 6 -23.16 -1.03 -3.29
N GLU A 7 -22.41 -1.76 -2.46
CA GLU A 7 -21.47 -2.84 -2.82
C GLU A 7 -20.24 -2.36 -3.63
N ARG A 8 -19.87 -1.07 -3.51
CA ARG A 8 -18.67 -0.50 -4.14
C ARG A 8 -17.36 -1.03 -3.54
N LEU A 9 -16.26 -0.82 -4.26
CA LEU A 9 -14.93 -1.34 -3.92
C LEU A 9 -14.37 -0.75 -2.61
N THR A 10 -13.69 -1.59 -1.83
CA THR A 10 -12.98 -1.14 -0.61
C THR A 10 -11.68 -0.37 -0.93
N SER A 11 -11.19 -0.48 -2.18
CA SER A 11 -10.10 0.33 -2.74
C SER A 11 -10.42 0.71 -4.20
N GLU A 12 -11.05 1.88 -4.39
CA GLU A 12 -11.62 2.31 -5.68
C GLU A 12 -10.59 2.73 -6.73
N SER A 13 -9.38 3.10 -6.31
CA SER A 13 -8.26 3.40 -7.22
C SER A 13 -7.80 2.12 -7.93
N GLU A 14 -7.57 2.18 -9.24
CA GLU A 14 -7.27 1.01 -10.08
C GLU A 14 -5.78 0.62 -10.01
N TYR A 15 -4.90 1.57 -10.29
CA TYR A 15 -3.44 1.40 -10.32
C TYR A 15 -2.82 1.46 -8.92
N ALA A 16 -1.60 0.93 -8.78
CA ALA A 16 -0.81 0.91 -7.54
C ALA A 16 0.69 1.11 -7.80
N CYS A 17 1.37 1.86 -6.94
CA CYS A 17 2.84 1.93 -6.95
C CYS A 17 3.50 0.55 -6.75
N PRO A 18 4.73 0.32 -7.26
CA PRO A 18 5.36 -1.01 -7.23
C PRO A 18 5.78 -1.51 -5.84
N ALA A 19 5.93 -0.62 -4.85
CA ALA A 19 6.37 -0.92 -3.50
C ALA A 19 5.98 0.24 -2.59
N ILE A 20 5.16 -0.06 -1.57
CA ILE A 20 4.73 0.90 -0.55
C ILE A 20 5.94 1.37 0.28
N ASP A 21 6.08 2.68 0.53
CA ASP A 21 7.17 3.23 1.35
C ASP A 21 7.07 2.82 2.82
N LYS A 22 8.21 2.60 3.50
CA LYS A 22 8.22 2.32 4.94
C LYS A 22 7.71 3.50 5.78
N PHE A 23 7.83 4.71 5.25
CA PHE A 23 7.22 5.95 5.77
C PHE A 23 5.70 6.01 5.61
N CYS A 24 5.11 5.26 4.67
CA CYS A 24 3.67 5.04 4.56
C CYS A 24 3.23 3.96 5.56
N GLU A 25 3.91 2.80 5.61
CA GLU A 25 3.46 1.66 6.42
C GLU A 25 3.35 1.96 7.91
N ASP A 26 4.38 2.57 8.52
CA ASP A 26 4.38 2.88 9.95
C ASP A 26 3.31 3.94 10.33
N HIS A 27 2.95 4.82 9.40
CA HIS A 27 1.86 5.78 9.58
C HIS A 27 0.49 5.12 9.42
N CYS A 28 0.32 4.24 8.42
CA CYS A 28 -0.90 3.44 8.27
C CYS A 28 -1.14 2.49 9.45
N ALA A 29 -0.09 1.87 10.00
CA ALA A 29 -0.17 1.06 11.21
C ALA A 29 -0.57 1.89 12.44
N ALA A 30 0.00 3.09 12.61
CA ALA A 30 -0.39 4.01 13.68
C ALA A 30 -1.87 4.44 13.55
N LYS A 31 -2.34 4.69 12.32
CA LYS A 31 -3.75 4.98 11.97
C LYS A 31 -4.65 3.75 11.94
N LYS A 32 -4.13 2.53 12.15
CA LYS A 32 -4.85 1.23 12.08
C LYS A 32 -5.59 1.00 10.76
N ALA A 33 -4.99 1.45 9.65
CA ALA A 33 -5.49 1.36 8.27
C ALA A 33 -4.83 0.20 7.48
N VAL A 34 -5.54 -0.37 6.50
CA VAL A 34 -5.07 -1.53 5.71
C VAL A 34 -4.14 -1.09 4.56
N GLY A 35 -3.02 -1.80 4.36
CA GLY A 35 -1.98 -1.44 3.39
C GLY A 35 -2.42 -1.46 1.92
N LYS A 36 -2.27 -0.32 1.23
CA LYS A 36 -2.65 -0.05 -0.17
C LYS A 36 -1.80 1.05 -0.81
N CYS A 37 -1.69 1.02 -2.14
CA CYS A 37 -1.11 2.10 -2.94
C CYS A 37 -2.05 2.50 -4.09
N ASP A 38 -2.06 3.78 -4.43
CA ASP A 38 -2.67 4.41 -5.61
C ASP A 38 -1.57 4.55 -6.69
N ASP A 39 -1.87 5.13 -7.86
CA ASP A 39 -0.97 5.19 -9.04
C ASP A 39 0.44 5.73 -8.75
N PHE A 40 0.55 6.72 -7.86
CA PHE A 40 1.79 7.41 -7.48
C PHE A 40 2.01 7.56 -5.96
N LYS A 41 1.05 7.18 -5.10
CA LYS A 41 1.05 7.51 -3.65
C LYS A 41 0.44 6.43 -2.74
N CYS A 42 0.81 6.47 -1.46
CA CYS A 42 0.21 5.70 -0.36
C CYS A 42 -1.33 5.86 -0.33
N ASN A 43 -2.13 4.79 -0.12
CA ASN A 43 -3.59 4.86 -0.17
C ASN A 43 -4.29 3.92 0.84
N CYS A 44 -3.80 3.85 2.08
CA CYS A 44 -4.28 2.87 3.06
C CYS A 44 -5.78 3.03 3.38
N ILE A 45 -6.48 1.93 3.59
CA ILE A 45 -7.95 1.90 3.74
C ILE A 45 -8.39 2.37 5.12
N LYS A 46 -9.17 3.47 5.18
CA LYS A 46 -9.79 4.02 6.39
C LYS A 46 -11.01 3.17 6.80
N LEU A 47 -11.05 2.77 8.07
CA LEU A 47 -12.02 1.81 8.63
C LEU A 47 -13.03 2.42 9.61
N LYS A 1 -0.23 -19.64 -30.04
CA LYS A 1 0.93 -19.37 -29.18
C LYS A 1 1.32 -17.90 -29.29
N ILE A 2 1.32 -17.18 -28.16
CA ILE A 2 1.68 -15.76 -28.06
C ILE A 2 3.13 -15.53 -28.54
N LYS A 3 3.34 -14.51 -29.36
CA LYS A 3 4.62 -14.22 -30.05
C LYS A 3 5.69 -13.62 -29.13
N SER A 4 6.88 -13.31 -29.66
CA SER A 4 8.08 -12.95 -28.87
C SER A 4 7.98 -11.60 -28.13
N GLY A 5 7.48 -11.66 -26.90
CA GLY A 5 7.36 -10.53 -25.99
C GLY A 5 6.07 -9.71 -26.20
N TRP A 6 5.72 -8.95 -25.17
CA TRP A 6 4.46 -8.21 -25.04
C TRP A 6 4.61 -6.93 -24.21
N GLU A 7 3.58 -6.09 -24.18
CA GLU A 7 3.66 -4.75 -23.56
C GLU A 7 3.39 -4.76 -22.05
N ARG A 8 3.03 -5.90 -21.47
CA ARG A 8 2.76 -6.10 -20.04
C ARG A 8 3.98 -5.77 -19.17
N LEU A 9 3.73 -5.42 -17.91
CA LEU A 9 4.71 -4.87 -16.97
C LEU A 9 5.85 -5.86 -16.63
N THR A 10 7.03 -5.31 -16.30
CA THR A 10 8.22 -6.07 -15.83
C THR A 10 8.03 -6.73 -14.46
N SER A 11 6.97 -6.38 -13.72
CA SER A 11 6.61 -6.96 -12.43
C SER A 11 5.10 -7.12 -12.29
N GLU A 12 4.66 -8.16 -11.59
CA GLU A 12 3.25 -8.40 -11.25
C GLU A 12 2.78 -7.61 -10.01
N SER A 13 3.68 -6.96 -9.26
CA SER A 13 3.42 -6.35 -7.94
C SER A 13 2.26 -5.32 -7.89
N GLU A 14 1.15 -5.68 -7.26
CA GLU A 14 -0.03 -4.83 -7.06
C GLU A 14 0.15 -3.77 -5.96
N TYR A 15 1.06 -3.99 -5.01
CA TYR A 15 1.22 -3.16 -3.80
C TYR A 15 2.64 -2.58 -3.65
N ALA A 16 3.31 -2.30 -4.78
CA ALA A 16 4.65 -1.74 -4.82
C ALA A 16 4.70 -0.27 -4.32
N CYS A 17 5.49 -0.03 -3.27
CA CYS A 17 5.68 1.28 -2.66
C CYS A 17 6.98 1.96 -3.14
N PRO A 18 7.09 3.31 -3.10
CA PRO A 18 8.36 4.00 -3.29
C PRO A 18 9.28 3.76 -2.08
N ALA A 19 10.60 3.78 -2.33
CA ALA A 19 11.64 3.32 -1.40
C ALA A 19 11.63 3.92 0.02
N ILE A 20 11.30 5.21 0.17
CA ILE A 20 11.37 5.97 1.43
C ILE A 20 9.99 6.52 1.83
N ASP A 21 9.15 6.92 0.88
CA ASP A 21 7.84 7.55 1.12
C ASP A 21 6.72 6.50 1.39
N LYS A 22 7.01 5.60 2.34
CA LYS A 22 6.28 4.39 2.77
C LYS A 22 5.06 4.66 3.66
N PHE A 23 4.37 5.78 3.46
CA PHE A 23 3.24 6.21 4.31
C PHE A 23 2.18 5.12 4.53
N CYS A 24 1.87 4.33 3.49
CA CYS A 24 0.90 3.23 3.57
C CYS A 24 1.36 2.06 4.48
N GLU A 25 2.66 1.82 4.62
CA GLU A 25 3.21 0.69 5.41
C GLU A 25 3.77 1.11 6.78
N ASP A 26 4.09 2.40 6.98
CA ASP A 26 4.68 2.92 8.22
C ASP A 26 3.74 3.87 8.99
N HIS A 27 3.09 4.82 8.30
CA HIS A 27 2.19 5.80 8.94
C HIS A 27 0.80 5.24 9.22
N CYS A 28 0.13 4.71 8.18
CA CYS A 28 -1.17 4.06 8.34
C CYS A 28 -1.13 2.88 9.33
N ALA A 29 -0.04 2.13 9.36
CA ALA A 29 0.17 1.05 10.33
C ALA A 29 0.22 1.54 11.80
N ALA A 30 0.81 2.71 12.06
CA ALA A 30 0.77 3.38 13.37
C ALA A 30 -0.61 4.00 13.67
N LYS A 31 -1.39 4.36 12.64
CA LYS A 31 -2.74 4.93 12.69
C LYS A 31 -3.87 3.89 12.55
N LYS A 32 -3.60 2.60 12.81
CA LYS A 32 -4.59 1.50 12.80
C LYS A 32 -5.35 1.37 11.46
N ALA A 33 -4.63 1.47 10.35
CA ALA A 33 -5.20 1.44 9.00
C ALA A 33 -4.35 0.64 7.99
N VAL A 34 -5.04 -0.09 7.11
CA VAL A 34 -4.47 -0.98 6.08
C VAL A 34 -4.28 -0.21 4.76
N GLY A 35 -3.03 -0.02 4.37
CA GLY A 35 -2.64 0.83 3.24
C GLY A 35 -2.49 0.10 1.91
N LYS A 36 -2.87 0.78 0.82
CA LYS A 36 -2.71 0.41 -0.57
C LYS A 36 -1.64 1.29 -1.24
N CYS A 37 -0.41 0.78 -1.33
CA CYS A 37 0.64 1.43 -2.14
C CYS A 37 0.29 1.41 -3.63
N ASP A 38 0.20 2.60 -4.22
CA ASP A 38 0.12 2.88 -5.65
C ASP A 38 1.33 3.77 -6.03
N ASP A 39 1.59 4.03 -7.31
CA ASP A 39 2.79 4.73 -7.76
C ASP A 39 2.85 6.18 -7.24
N PHE A 40 3.82 6.43 -6.38
CA PHE A 40 3.95 7.64 -5.55
C PHE A 40 2.60 8.09 -4.92
N LYS A 41 1.74 7.14 -4.53
CA LYS A 41 0.36 7.35 -4.05
C LYS A 41 0.05 6.40 -2.90
N CYS A 42 -0.85 6.82 -2.02
CA CYS A 42 -1.31 6.03 -0.88
C CYS A 42 -2.75 6.39 -0.48
N ASN A 43 -3.48 5.37 -0.04
CA ASN A 43 -4.82 5.40 0.54
C ASN A 43 -4.93 4.24 1.55
N CYS A 44 -5.66 4.42 2.65
CA CYS A 44 -5.74 3.45 3.73
C CYS A 44 -7.17 3.33 4.29
N ILE A 45 -7.48 2.21 4.93
CA ILE A 45 -8.79 1.94 5.57
C ILE A 45 -8.64 1.33 6.98
N LYS A 46 -9.43 1.80 7.94
CA LYS A 46 -9.51 1.25 9.30
C LYS A 46 -9.88 -0.25 9.38
N LEU A 47 -9.42 -0.88 10.47
CA LEU A 47 -9.65 -2.30 10.84
C LEU A 47 -11.12 -2.62 11.14
N LYS A 1 22.23 28.97 -10.23
CA LYS A 1 23.17 28.60 -11.31
C LYS A 1 23.46 27.10 -11.29
N ILE A 2 24.14 26.58 -10.26
CA ILE A 2 24.59 25.18 -10.18
C ILE A 2 23.41 24.18 -10.11
N LYS A 3 23.55 23.04 -10.81
CA LYS A 3 22.47 22.07 -11.06
C LYS A 3 21.88 21.39 -9.81
N SER A 4 20.67 20.84 -9.97
CA SER A 4 19.89 20.17 -8.91
C SER A 4 20.64 19.02 -8.23
N GLY A 5 20.46 18.85 -6.92
CA GLY A 5 20.99 17.74 -6.12
C GLY A 5 20.07 16.51 -6.00
N TRP A 6 18.94 16.46 -6.72
CA TRP A 6 17.98 15.37 -6.66
C TRP A 6 18.57 14.00 -7.03
N GLU A 7 17.96 12.92 -6.56
CA GLU A 7 18.38 11.53 -6.84
C GLU A 7 17.90 11.04 -8.23
N ARG A 8 17.96 11.93 -9.23
CA ARG A 8 17.71 11.70 -10.67
C ARG A 8 16.36 11.01 -10.98
N LEU A 9 15.29 11.38 -10.27
CA LEU A 9 13.98 10.71 -10.28
C LEU A 9 13.28 10.70 -11.66
N THR A 10 12.78 9.54 -12.08
CA THR A 10 12.20 9.23 -13.40
C THR A 10 10.70 9.53 -13.51
N SER A 11 10.34 10.66 -14.12
CA SER A 11 8.94 11.12 -14.29
C SER A 11 8.08 10.22 -15.19
N GLU A 12 8.73 9.43 -16.05
CA GLU A 12 8.14 8.43 -16.93
C GLU A 12 7.62 7.16 -16.22
N SER A 13 7.81 7.05 -14.90
CA SER A 13 7.31 5.95 -14.06
C SER A 13 5.79 5.77 -14.17
N GLU A 14 5.31 4.52 -14.22
CA GLU A 14 3.88 4.20 -14.42
C GLU A 14 3.07 4.08 -13.10
N TYR A 15 3.72 3.61 -12.04
CA TYR A 15 3.13 3.37 -10.72
C TYR A 15 4.09 3.76 -9.60
N ALA A 16 3.57 4.01 -8.39
CA ALA A 16 4.36 4.44 -7.24
C ALA A 16 5.37 3.39 -6.72
N CYS A 17 6.29 3.83 -5.85
CA CYS A 17 7.33 3.01 -5.20
C CYS A 17 8.15 2.12 -6.17
N PRO A 18 9.00 2.71 -7.04
CA PRO A 18 9.79 1.96 -8.03
C PRO A 18 10.73 0.87 -7.49
N ALA A 19 11.17 0.93 -6.22
CA ALA A 19 12.07 -0.08 -5.63
C ALA A 19 11.93 -0.28 -4.11
N ILE A 20 11.37 0.69 -3.38
CA ILE A 20 11.35 0.77 -1.90
C ILE A 20 9.93 1.14 -1.45
N ASP A 21 9.43 0.51 -0.39
CA ASP A 21 8.06 0.71 0.11
C ASP A 21 8.01 0.49 1.64
N LYS A 22 7.95 1.58 2.42
CA LYS A 22 7.95 1.54 3.89
C LYS A 22 7.07 2.59 4.58
N PHE A 23 6.80 3.73 3.93
CA PHE A 23 5.99 4.81 4.51
C PHE A 23 4.56 4.36 4.83
N CYS A 24 3.91 3.56 3.97
CA CYS A 24 2.55 3.09 4.22
C CYS A 24 2.46 2.05 5.36
N GLU A 25 3.51 1.28 5.60
CA GLU A 25 3.65 0.40 6.77
C GLU A 25 3.85 1.17 8.09
N ASP A 26 4.46 2.36 8.07
CA ASP A 26 4.69 3.25 9.21
C ASP A 26 3.45 4.13 9.50
N HIS A 27 3.02 4.93 8.53
CA HIS A 27 1.98 5.96 8.72
C HIS A 27 0.57 5.38 8.88
N CYS A 28 0.17 4.41 8.05
CA CYS A 28 -1.17 3.81 8.16
C CYS A 28 -1.34 2.99 9.46
N ALA A 29 -0.27 2.42 10.01
CA ALA A 29 -0.29 1.77 11.33
C ALA A 29 -0.61 2.79 12.46
N ALA A 30 -0.10 4.03 12.37
CA ALA A 30 -0.44 5.13 13.27
C ALA A 30 -1.81 5.81 12.97
N LYS A 31 -2.52 5.34 11.94
CA LYS A 31 -3.91 5.69 11.60
C LYS A 31 -4.87 4.50 11.78
N LYS A 32 -4.38 3.36 12.29
CA LYS A 32 -5.11 2.07 12.42
C LYS A 32 -5.78 1.67 11.10
N ALA A 33 -4.94 1.52 10.08
CA ALA A 33 -5.27 1.25 8.68
C ALA A 33 -4.18 0.39 7.97
N VAL A 34 -4.51 -0.18 6.80
CA VAL A 34 -3.63 -1.12 6.04
C VAL A 34 -3.76 -0.87 4.53
N GLY A 35 -2.65 -0.76 3.77
CA GLY A 35 -2.74 -0.40 2.34
C GLY A 35 -1.54 -0.58 1.43
N LYS A 36 -1.68 -0.04 0.21
CA LYS A 36 -0.69 -0.02 -0.88
C LYS A 36 -0.01 1.34 -1.01
N CYS A 37 1.21 1.38 -1.52
CA CYS A 37 1.86 2.62 -1.97
C CYS A 37 1.21 3.11 -3.28
N ASP A 38 0.81 4.38 -3.35
CA ASP A 38 0.27 5.03 -4.56
C ASP A 38 0.62 6.54 -4.62
N ASP A 39 0.33 7.19 -5.75
CA ASP A 39 0.47 8.63 -5.94
C ASP A 39 -0.35 9.43 -4.92
N PHE A 40 0.25 10.52 -4.42
CA PHE A 40 -0.21 11.49 -3.41
C PHE A 40 -0.62 10.95 -2.03
N LYS A 41 -1.18 9.74 -1.94
CA LYS A 41 -1.74 9.13 -0.72
C LYS A 41 -1.64 7.61 -0.75
N CYS A 42 -1.15 7.01 0.34
CA CYS A 42 -1.20 5.55 0.57
C CYS A 42 -2.65 5.06 0.48
N ASN A 43 -2.92 4.03 -0.31
CA ASN A 43 -4.26 3.47 -0.50
C ASN A 43 -4.59 2.51 0.66
N CYS A 44 -4.83 3.06 1.85
CA CYS A 44 -5.05 2.33 3.09
C CYS A 44 -6.53 2.26 3.51
N ILE A 45 -7.05 1.05 3.67
CA ILE A 45 -8.38 0.83 4.27
C ILE A 45 -8.30 0.99 5.79
N LYS A 46 -9.22 1.75 6.38
CA LYS A 46 -9.31 2.01 7.82
C LYS A 46 -10.00 0.85 8.55
N LEU A 47 -9.53 0.54 9.77
CA LEU A 47 -10.21 -0.37 10.70
C LEU A 47 -11.45 0.31 11.32
N LYS A 1 20.78 -3.71 -4.89
CA LYS A 1 22.04 -4.46 -4.74
C LYS A 1 23.13 -3.54 -4.18
N ILE A 2 23.78 -3.92 -3.06
CA ILE A 2 24.69 -3.11 -2.23
C ILE A 2 24.01 -1.84 -1.68
N LYS A 3 23.38 -1.96 -0.51
CA LYS A 3 22.78 -0.86 0.27
C LYS A 3 21.87 0.12 -0.51
N SER A 4 21.14 -0.38 -1.51
CA SER A 4 20.10 0.35 -2.27
C SER A 4 19.26 -0.61 -3.13
N GLY A 5 17.95 -0.67 -2.92
CA GLY A 5 17.06 -1.67 -3.55
C GLY A 5 16.66 -1.40 -5.01
N TRP A 6 16.82 -0.17 -5.49
CA TRP A 6 16.42 0.33 -6.80
C TRP A 6 17.42 1.37 -7.34
N GLU A 7 17.14 1.91 -8.52
CA GLU A 7 17.85 3.07 -9.07
C GLU A 7 17.56 4.37 -8.29
N ARG A 8 16.40 4.47 -7.64
CA ARG A 8 15.98 5.59 -6.79
C ARG A 8 16.70 5.61 -5.44
N LEU A 9 16.99 6.80 -4.91
CA LEU A 9 17.48 6.97 -3.54
C LEU A 9 16.39 6.61 -2.49
N THR A 10 16.79 6.44 -1.23
CA THR A 10 15.95 5.86 -0.14
C THR A 10 14.54 6.46 -0.03
N SER A 11 14.40 7.78 -0.20
CA SER A 11 13.12 8.51 -0.13
C SER A 11 12.94 9.56 -1.24
N GLU A 12 13.53 9.32 -2.42
CA GLU A 12 13.47 10.18 -3.62
C GLU A 12 12.04 10.39 -4.19
N SER A 13 11.10 9.53 -3.82
CA SER A 13 9.76 9.45 -4.42
C SER A 13 8.91 10.73 -4.29
N GLU A 14 8.00 10.93 -5.24
CA GLU A 14 7.06 12.05 -5.32
C GLU A 14 5.66 11.65 -4.81
N TYR A 15 5.57 11.38 -3.51
CA TYR A 15 4.43 10.77 -2.78
C TYR A 15 4.09 9.32 -3.17
N ALA A 16 4.66 8.81 -4.26
CA ALA A 16 4.69 7.39 -4.58
C ALA A 16 5.50 6.62 -3.50
N CYS A 17 5.47 5.29 -3.55
CA CYS A 17 6.16 4.44 -2.60
C CYS A 17 7.69 4.69 -2.64
N PRO A 18 8.34 5.08 -1.52
CA PRO A 18 9.78 5.29 -1.44
C PRO A 18 10.52 3.96 -1.52
N ALA A 19 11.82 3.96 -1.84
CA ALA A 19 12.57 2.75 -2.19
C ALA A 19 12.65 1.66 -1.08
N ILE A 20 12.44 2.05 0.19
CA ILE A 20 12.37 1.15 1.35
C ILE A 20 10.95 0.79 1.82
N ASP A 21 9.91 1.28 1.12
CA ASP A 21 8.46 1.09 1.32
C ASP A 21 7.80 1.48 2.68
N LYS A 22 8.49 1.33 3.81
CA LYS A 22 7.94 1.38 5.18
C LYS A 22 7.15 2.64 5.56
N PHE A 23 7.52 3.81 5.05
CA PHE A 23 6.78 5.05 5.28
C PHE A 23 5.32 5.00 4.81
N CYS A 24 4.99 4.14 3.83
CA CYS A 24 3.61 3.94 3.36
C CYS A 24 2.73 3.06 4.28
N GLU A 25 3.23 2.58 5.43
CA GLU A 25 2.39 1.93 6.45
C GLU A 25 2.67 2.32 7.92
N ASP A 26 3.88 2.76 8.28
CA ASP A 26 4.26 2.95 9.70
C ASP A 26 3.41 4.01 10.43
N HIS A 27 2.93 5.05 9.73
CA HIS A 27 2.01 6.03 10.30
C HIS A 27 0.58 5.50 10.33
N CYS A 28 0.15 4.79 9.29
CA CYS A 28 -1.17 4.15 9.19
C CYS A 28 -1.46 3.14 10.31
N ALA A 29 -0.41 2.50 10.86
CA ALA A 29 -0.51 1.60 12.00
C ALA A 29 -1.15 2.26 13.24
N ALA A 30 -1.01 3.59 13.41
CA ALA A 30 -1.65 4.34 14.51
C ALA A 30 -3.19 4.39 14.42
N LYS A 31 -3.78 4.12 13.24
CA LYS A 31 -5.23 3.91 13.02
C LYS A 31 -5.53 2.44 12.66
N LYS A 32 -4.52 1.56 12.70
CA LYS A 32 -4.51 0.17 12.19
C LYS A 32 -5.07 0.02 10.76
N ALA A 33 -4.96 1.08 9.96
CA ALA A 33 -5.31 1.07 8.54
C ALA A 33 -4.36 0.15 7.74
N VAL A 34 -4.82 -0.34 6.59
CA VAL A 34 -4.06 -1.27 5.74
C VAL A 34 -3.03 -0.54 4.90
N GLY A 35 -1.74 -0.91 5.05
CA GLY A 35 -0.61 -0.34 4.31
C GLY A 35 -0.71 -0.54 2.80
N LYS A 36 -0.44 0.53 2.04
CA LYS A 36 -0.65 0.62 0.58
C LYS A 36 0.56 1.22 -0.14
N CYS A 37 1.54 0.39 -0.48
CA CYS A 37 2.63 0.79 -1.37
C CYS A 37 2.13 0.87 -2.81
N ASP A 38 2.34 1.99 -3.50
CA ASP A 38 1.95 2.20 -4.89
C ASP A 38 2.89 3.16 -5.65
N ASP A 39 3.09 2.88 -6.94
CA ASP A 39 4.00 3.60 -7.84
C ASP A 39 3.62 5.05 -8.19
N PHE A 40 2.42 5.53 -7.85
CA PHE A 40 1.95 6.89 -8.10
C PHE A 40 1.63 7.67 -6.82
N LYS A 41 0.95 7.05 -5.85
CA LYS A 41 0.73 7.60 -4.50
C LYS A 41 0.24 6.57 -3.49
N CYS A 42 0.92 6.53 -2.35
CA CYS A 42 0.54 5.72 -1.18
C CYS A 42 -0.65 6.34 -0.45
N ASN A 43 -1.68 5.54 -0.16
CA ASN A 43 -2.84 5.95 0.64
C ASN A 43 -3.53 4.74 1.28
N CYS A 44 -3.39 4.57 2.60
CA CYS A 44 -3.88 3.40 3.33
C CYS A 44 -5.41 3.24 3.30
N ILE A 45 -5.89 2.00 3.47
CA ILE A 45 -7.32 1.69 3.57
C ILE A 45 -7.78 1.76 5.04
N LYS A 46 -8.73 2.64 5.37
CA LYS A 46 -9.33 2.75 6.72
C LYS A 46 -10.19 1.52 7.03
N LEU A 47 -10.10 1.00 8.26
CA LEU A 47 -10.87 -0.17 8.76
C LEU A 47 -12.38 0.00 8.65
N LYS A 1 -17.81 2.44 -22.54
CA LYS A 1 -17.48 3.15 -21.29
C LYS A 1 -18.74 3.52 -20.51
N ILE A 2 -18.99 2.80 -19.41
CA ILE A 2 -19.99 3.17 -18.41
C ILE A 2 -19.48 4.42 -17.67
N LYS A 3 -20.35 5.38 -17.32
CA LYS A 3 -19.91 6.65 -16.71
C LYS A 3 -19.29 6.45 -15.32
N SER A 4 -18.25 7.24 -15.01
CA SER A 4 -17.37 7.14 -13.82
C SER A 4 -16.48 5.88 -13.78
N GLY A 5 -15.55 5.82 -12.82
CA GLY A 5 -14.52 4.77 -12.69
C GLY A 5 -14.22 4.38 -11.24
N TRP A 6 -15.21 4.35 -10.36
CA TRP A 6 -15.06 4.03 -8.94
C TRP A 6 -15.23 2.52 -8.65
N GLU A 7 -15.19 2.14 -7.37
CA GLU A 7 -15.16 0.75 -6.87
C GLU A 7 -13.96 -0.05 -7.44
N ARG A 8 -12.76 0.57 -7.45
CA ARG A 8 -11.52 0.02 -8.03
C ARG A 8 -10.91 -1.18 -7.27
N LEU A 9 -11.59 -1.67 -6.24
CA LEU A 9 -11.15 -2.74 -5.34
C LEU A 9 -10.87 -4.05 -6.09
N THR A 10 -9.86 -4.78 -5.63
CA THR A 10 -9.45 -6.11 -6.15
C THR A 10 -10.31 -7.24 -5.57
N SER A 11 -10.36 -8.37 -6.29
CA SER A 11 -10.92 -9.64 -5.82
C SER A 11 -10.04 -10.84 -6.17
N GLU A 12 -9.38 -10.75 -7.31
CA GLU A 12 -8.44 -11.71 -7.92
C GLU A 12 -7.07 -11.80 -7.25
N SER A 13 -6.72 -10.87 -6.35
CA SER A 13 -5.44 -10.80 -5.66
C SER A 13 -5.57 -10.24 -4.23
N GLU A 14 -4.81 -10.80 -3.28
CA GLU A 14 -4.75 -10.35 -1.88
C GLU A 14 -3.54 -9.45 -1.57
N TYR A 15 -2.63 -9.27 -2.53
CA TYR A 15 -1.46 -8.40 -2.45
C TYR A 15 -1.22 -7.62 -3.76
N ALA A 16 -0.54 -6.48 -3.66
CA ALA A 16 -0.04 -5.69 -4.77
C ALA A 16 1.21 -4.87 -4.39
N CYS A 17 2.14 -4.71 -5.34
CA CYS A 17 3.37 -3.91 -5.27
C CYS A 17 4.40 -4.30 -4.17
N PRO A 18 5.71 -4.03 -4.36
CA PRO A 18 6.72 -4.26 -3.34
C PRO A 18 6.62 -3.23 -2.19
N ALA A 19 6.98 -3.68 -0.97
CA ALA A 19 6.93 -2.92 0.28
C ALA A 19 8.16 -2.00 0.47
N ILE A 20 8.37 -1.09 -0.48
CA ILE A 20 9.58 -0.27 -0.61
C ILE A 20 9.74 0.82 0.47
N ASP A 21 8.77 1.72 0.61
CA ASP A 21 8.85 2.90 1.49
C ASP A 21 8.03 2.70 2.77
N LYS A 22 8.63 2.96 3.94
CA LYS A 22 8.05 2.63 5.24
C LYS A 22 6.78 3.42 5.55
N PHE A 23 6.69 4.69 5.15
CA PHE A 23 5.50 5.54 5.30
C PHE A 23 4.21 4.84 4.84
N CYS A 24 4.26 4.13 3.71
CA CYS A 24 3.10 3.45 3.12
C CYS A 24 2.53 2.28 3.96
N GLU A 25 3.17 1.89 5.08
CA GLU A 25 2.62 0.91 6.03
C GLU A 25 2.86 1.23 7.51
N ASP A 26 3.83 2.09 7.87
CA ASP A 26 4.03 2.63 9.22
C ASP A 26 3.01 3.73 9.58
N HIS A 27 2.67 4.60 8.62
CA HIS A 27 1.58 5.57 8.81
C HIS A 27 0.26 4.83 9.03
N CYS A 28 -0.01 3.80 8.21
CA CYS A 28 -1.19 2.96 8.38
C CYS A 28 -1.20 2.19 9.70
N ALA A 29 -0.03 1.78 10.23
CA ALA A 29 0.07 1.22 11.58
C ALA A 29 -0.30 2.25 12.67
N ALA A 30 0.08 3.52 12.52
CA ALA A 30 -0.35 4.60 13.42
C ALA A 30 -1.86 4.93 13.29
N LYS A 31 -2.43 4.86 12.08
CA LYS A 31 -3.87 5.00 11.78
C LYS A 31 -4.71 3.73 12.07
N LYS A 32 -4.12 2.61 12.48
CA LYS A 32 -4.75 1.30 12.64
C LYS A 32 -5.54 0.84 11.40
N ALA A 33 -4.87 0.91 10.25
CA ALA A 33 -5.42 0.68 8.91
C ALA A 33 -4.48 -0.18 8.03
N VAL A 34 -5.00 -0.73 6.94
CA VAL A 34 -4.25 -1.53 5.95
C VAL A 34 -3.56 -0.61 4.94
N GLY A 35 -2.31 -0.92 4.56
CA GLY A 35 -1.55 -0.18 3.55
C GLY A 35 -1.98 -0.50 2.11
N LYS A 36 -1.89 0.50 1.22
CA LYS A 36 -2.45 0.46 -0.14
C LYS A 36 -1.51 1.09 -1.17
N CYS A 37 -1.17 0.33 -2.21
CA CYS A 37 -0.39 0.79 -3.36
C CYS A 37 -1.23 1.63 -4.33
N ASP A 38 -0.68 2.76 -4.78
CA ASP A 38 -1.22 3.58 -5.87
C ASP A 38 -0.19 3.76 -7.00
N ASP A 39 -0.59 4.39 -8.10
CA ASP A 39 0.30 4.87 -9.14
C ASP A 39 1.15 6.06 -8.65
N PHE A 40 0.58 6.88 -7.75
CA PHE A 40 1.14 8.16 -7.33
C PHE A 40 1.40 8.27 -5.82
N LYS A 41 0.40 8.04 -4.93
CA LYS A 41 0.53 8.23 -3.48
C LYS A 41 -0.27 7.21 -2.65
N CYS A 42 0.39 6.60 -1.68
CA CYS A 42 -0.20 5.63 -0.76
C CYS A 42 -1.27 6.26 0.16
N ASN A 43 -2.43 5.61 0.35
CA ASN A 43 -3.48 6.08 1.26
C ASN A 43 -4.24 4.89 1.88
N CYS A 44 -4.19 4.75 3.21
CA CYS A 44 -4.64 3.57 3.95
C CYS A 44 -6.16 3.31 3.87
N ILE A 45 -6.58 2.08 4.23
CA ILE A 45 -7.99 1.66 4.37
C ILE A 45 -8.21 0.95 5.72
N LYS A 46 -9.10 1.48 6.58
CA LYS A 46 -9.48 0.87 7.87
C LYS A 46 -10.57 -0.19 7.70
N LEU A 47 -10.40 -1.35 8.35
CA LEU A 47 -11.32 -2.49 8.32
C LEU A 47 -11.72 -2.94 9.74
N LYS A 1 -35.20 1.38 5.97
CA LYS A 1 -34.32 1.14 4.79
C LYS A 1 -34.13 -0.36 4.55
N ILE A 2 -34.11 -0.76 3.28
CA ILE A 2 -34.03 -2.18 2.86
C ILE A 2 -32.64 -2.81 3.12
N LYS A 3 -32.51 -4.13 2.94
CA LYS A 3 -31.21 -4.85 3.02
C LYS A 3 -30.21 -4.42 1.93
N SER A 4 -28.91 -4.50 2.24
CA SER A 4 -27.79 -4.19 1.32
C SER A 4 -26.53 -4.99 1.69
N GLY A 5 -25.61 -5.21 0.75
CA GLY A 5 -24.41 -6.03 0.92
C GLY A 5 -23.27 -5.38 1.70
N TRP A 6 -22.08 -5.97 1.58
CA TRP A 6 -20.84 -5.60 2.28
C TRP A 6 -20.94 -5.58 3.82
N GLU A 7 -21.52 -6.62 4.42
CA GLU A 7 -21.62 -6.70 5.89
C GLU A 7 -20.26 -6.93 6.56
N ARG A 8 -19.26 -7.52 5.86
CA ARG A 8 -17.95 -7.83 6.44
C ARG A 8 -17.00 -6.62 6.37
N LEU A 9 -16.39 -6.26 7.50
CA LEU A 9 -15.28 -5.33 7.58
C LEU A 9 -14.06 -5.94 6.84
N THR A 10 -13.44 -5.17 5.95
CA THR A 10 -12.41 -5.64 4.99
C THR A 10 -11.29 -6.41 5.68
N SER A 11 -11.02 -7.66 5.26
CA SER A 11 -9.92 -8.48 5.77
C SER A 11 -9.14 -9.21 4.68
N GLU A 12 -7.86 -9.46 4.94
CA GLU A 12 -6.90 -10.15 4.04
C GLU A 12 -6.90 -9.61 2.60
N SER A 13 -6.70 -8.30 2.46
CA SER A 13 -6.74 -7.60 1.17
C SER A 13 -5.50 -7.90 0.30
N GLU A 14 -5.73 -8.43 -0.90
CA GLU A 14 -4.68 -8.82 -1.85
C GLU A 14 -3.87 -7.63 -2.39
N TYR A 15 -4.39 -6.40 -2.29
CA TYR A 15 -3.73 -5.16 -2.70
C TYR A 15 -2.89 -4.47 -1.61
N ALA A 16 -2.71 -5.08 -0.43
CA ALA A 16 -1.76 -4.62 0.59
C ALA A 16 -0.29 -5.05 0.30
N CYS A 17 0.13 -5.01 -0.98
CA CYS A 17 1.52 -5.28 -1.39
C CYS A 17 2.49 -4.12 -1.07
N PRO A 18 3.81 -4.37 -0.95
CA PRO A 18 4.82 -3.33 -0.71
C PRO A 18 4.90 -2.30 -1.84
N ALA A 19 5.10 -1.05 -1.45
CA ALA A 19 5.39 0.06 -2.36
C ALA A 19 6.89 0.43 -2.29
N ILE A 20 7.22 1.70 -2.05
CA ILE A 20 8.61 2.22 -2.02
C ILE A 20 8.86 3.19 -0.85
N ASP A 21 7.92 4.07 -0.53
CA ASP A 21 7.95 4.91 0.67
C ASP A 21 7.61 4.08 1.92
N LYS A 22 8.32 4.28 3.03
CA LYS A 22 8.14 3.54 4.30
C LYS A 22 7.00 4.10 5.15
N PHE A 23 6.72 5.41 5.08
CA PHE A 23 5.55 6.02 5.76
C PHE A 23 4.23 5.34 5.37
N CYS A 24 4.12 4.87 4.12
CA CYS A 24 2.95 4.16 3.59
C CYS A 24 2.64 2.82 4.30
N GLU A 25 3.57 2.29 5.10
CA GLU A 25 3.27 1.17 6.01
C GLU A 25 3.46 1.54 7.49
N ASP A 26 4.46 2.36 7.87
CA ASP A 26 4.66 2.76 9.27
C ASP A 26 3.56 3.70 9.82
N HIS A 27 3.21 4.77 9.10
CA HIS A 27 2.13 5.68 9.50
C HIS A 27 0.75 5.06 9.30
N CYS A 28 0.57 4.24 8.26
CA CYS A 28 -0.69 3.52 8.08
C CYS A 28 -0.93 2.49 9.21
N ALA A 29 0.11 1.79 9.69
CA ALA A 29 0.02 0.97 10.90
C ALA A 29 -0.28 1.82 12.15
N ALA A 30 0.37 2.98 12.31
CA ALA A 30 0.12 3.89 13.43
C ALA A 30 -1.32 4.43 13.47
N LYS A 31 -1.93 4.67 12.30
CA LYS A 31 -3.33 5.10 12.10
C LYS A 31 -4.33 3.92 11.98
N LYS A 32 -3.86 2.68 12.18
CA LYS A 32 -4.61 1.40 12.08
C LYS A 32 -5.38 1.24 10.75
N ALA A 33 -4.82 1.78 9.66
CA ALA A 33 -5.40 1.79 8.32
C ALA A 33 -4.82 0.67 7.44
N VAL A 34 -5.67 0.00 6.66
CA VAL A 34 -5.31 -1.13 5.78
C VAL A 34 -4.54 -0.62 4.56
N GLY A 35 -3.38 -1.23 4.30
CA GLY A 35 -2.42 -0.79 3.29
C GLY A 35 -2.92 -0.85 1.84
N LYS A 36 -2.30 -0.04 0.99
CA LYS A 36 -2.53 0.02 -0.47
C LYS A 36 -1.20 -0.10 -1.23
N CYS A 37 -1.23 -0.13 -2.55
CA CYS A 37 -0.07 -0.50 -3.37
C CYS A 37 -0.07 0.21 -4.75
N ASP A 38 -0.17 1.54 -4.74
CA ASP A 38 -0.19 2.44 -5.90
C ASP A 38 1.15 3.21 -6.10
N ASP A 39 1.36 3.76 -7.30
CA ASP A 39 2.44 4.74 -7.56
C ASP A 39 2.03 6.14 -7.07
N PHE A 40 2.97 6.88 -6.50
CA PHE A 40 2.83 8.27 -6.00
C PHE A 40 1.76 8.52 -4.91
N LYS A 41 0.92 7.54 -4.53
CA LYS A 41 -0.21 7.71 -3.59
C LYS A 41 -0.26 6.57 -2.58
N CYS A 42 -0.82 6.83 -1.39
CA CYS A 42 -0.90 5.92 -0.24
C CYS A 42 -2.17 6.13 0.59
N ASN A 43 -3.35 6.00 -0.02
CA ASN A 43 -4.65 6.24 0.64
C ASN A 43 -5.13 5.00 1.43
N CYS A 44 -4.35 4.56 2.41
CA CYS A 44 -4.67 3.45 3.32
C CYS A 44 -6.05 3.67 3.98
N ILE A 45 -6.91 2.66 3.92
CA ILE A 45 -8.33 2.77 4.29
C ILE A 45 -8.60 2.30 5.73
N LYS A 46 -9.36 3.06 6.50
CA LYS A 46 -9.83 2.69 7.84
C LYS A 46 -11.13 1.87 7.80
N LEU A 47 -11.21 0.88 8.68
CA LEU A 47 -12.34 -0.06 8.83
C LEU A 47 -13.47 0.57 9.64
N LYS A 1 29.00 -22.33 -5.16
CA LYS A 1 29.37 -21.06 -4.48
C LYS A 1 28.20 -20.08 -4.46
N ILE A 2 27.72 -19.57 -5.59
CA ILE A 2 26.70 -18.50 -5.64
C ILE A 2 25.29 -19.04 -5.86
N LYS A 3 24.29 -18.44 -5.19
CA LYS A 3 22.85 -18.79 -5.28
C LYS A 3 22.29 -18.68 -6.69
N SER A 4 21.19 -19.35 -7.01
CA SER A 4 20.61 -19.39 -8.37
C SER A 4 19.13 -19.81 -8.42
N GLY A 5 18.49 -19.61 -9.58
CA GLY A 5 17.13 -20.06 -9.90
C GLY A 5 16.06 -18.99 -9.71
N TRP A 6 15.06 -18.98 -10.60
CA TRP A 6 13.89 -18.09 -10.62
C TRP A 6 14.22 -16.61 -10.50
N GLU A 7 15.22 -16.19 -11.28
CA GLU A 7 15.78 -14.84 -11.31
C GLU A 7 14.95 -13.85 -12.16
N ARG A 8 13.87 -14.31 -12.82
CA ARG A 8 13.11 -13.51 -13.81
C ARG A 8 12.51 -12.21 -13.25
N LEU A 9 12.48 -11.16 -14.07
CA LEU A 9 11.80 -9.90 -13.80
C LEU A 9 10.29 -10.03 -13.98
N THR A 10 9.50 -9.19 -13.30
CA THR A 10 8.05 -9.10 -13.50
C THR A 10 7.66 -8.12 -14.61
N SER A 11 8.60 -7.32 -15.12
CA SER A 11 8.32 -6.17 -16.00
C SER A 11 7.27 -5.22 -15.39
N GLU A 12 7.29 -5.06 -14.07
CA GLU A 12 6.38 -4.20 -13.27
C GLU A 12 4.89 -4.62 -13.28
N SER A 13 4.60 -5.90 -13.56
CA SER A 13 3.23 -6.41 -13.74
C SER A 13 2.36 -6.49 -12.46
N GLU A 14 2.95 -6.27 -11.29
CA GLU A 14 2.26 -6.08 -10.00
C GLU A 14 1.85 -4.61 -9.72
N TYR A 15 2.32 -3.65 -10.51
CA TYR A 15 2.04 -2.21 -10.37
C TYR A 15 2.44 -1.65 -8.98
N ALA A 16 3.70 -1.83 -8.57
CA ALA A 16 4.19 -1.41 -7.25
C ALA A 16 4.35 0.12 -7.12
N CYS A 17 4.08 0.65 -5.92
CA CYS A 17 4.18 2.08 -5.61
C CYS A 17 5.64 2.59 -5.53
N PRO A 18 5.92 3.83 -5.98
CA PRO A 18 7.26 4.42 -5.96
C PRO A 18 7.77 4.66 -4.52
N ALA A 19 8.90 4.04 -4.20
CA ALA A 19 9.64 4.12 -2.93
C ALA A 19 8.75 3.95 -1.67
N ILE A 20 7.98 2.85 -1.64
CA ILE A 20 7.10 2.47 -0.50
C ILE A 20 7.88 1.83 0.66
N ASP A 21 8.89 2.54 1.19
CA ASP A 21 9.63 2.15 2.39
C ASP A 21 8.71 2.16 3.64
N LYS A 22 9.13 1.55 4.75
CA LYS A 22 8.34 1.29 5.99
C LYS A 22 7.78 2.53 6.68
N PHE A 23 8.05 3.73 6.17
CA PHE A 23 7.42 4.98 6.56
C PHE A 23 5.94 5.06 6.14
N CYS A 24 5.54 4.44 5.02
CA CYS A 24 4.11 4.29 4.70
C CYS A 24 3.44 3.34 5.69
N GLU A 25 4.04 2.18 5.98
CA GLU A 25 3.52 1.21 6.94
C GLU A 25 3.34 1.79 8.36
N ASP A 26 4.24 2.67 8.79
CA ASP A 26 4.17 3.43 10.04
C ASP A 26 3.02 4.47 10.07
N HIS A 27 2.77 5.17 8.96
CA HIS A 27 1.61 6.07 8.81
C HIS A 27 0.30 5.29 8.86
N CYS A 28 0.24 4.16 8.15
CA CYS A 28 -0.92 3.27 8.17
C CYS A 28 -1.14 2.68 9.57
N ALA A 29 -0.08 2.30 10.30
CA ALA A 29 -0.17 1.78 11.67
C ALA A 29 -0.79 2.80 12.63
N ALA A 30 -0.45 4.09 12.51
CA ALA A 30 -1.06 5.17 13.30
C ALA A 30 -2.58 5.32 13.06
N LYS A 31 -3.10 4.87 11.90
CA LYS A 31 -4.55 4.80 11.60
C LYS A 31 -5.11 3.37 11.73
N LYS A 32 -4.28 2.38 12.08
CA LYS A 32 -4.53 0.92 12.03
C LYS A 32 -4.90 0.40 10.62
N ALA A 33 -4.73 1.24 9.60
CA ALA A 33 -5.05 1.01 8.19
C ALA A 33 -4.09 0.03 7.51
N VAL A 34 -4.41 -0.41 6.29
CA VAL A 34 -3.70 -1.48 5.59
C VAL A 34 -3.61 -1.30 4.06
N GLY A 35 -2.41 -1.56 3.52
CA GLY A 35 -2.13 -1.70 2.09
C GLY A 35 -2.36 -0.48 1.19
N LYS A 36 -3.32 -0.64 0.27
CA LYS A 36 -3.70 0.19 -0.88
C LYS A 36 -2.63 1.14 -1.48
N CYS A 37 -2.03 0.71 -2.58
CA CYS A 37 -1.20 1.55 -3.45
C CYS A 37 -2.10 2.25 -4.48
N ASP A 38 -2.01 3.58 -4.59
CA ASP A 38 -2.83 4.40 -5.49
C ASP A 38 -2.18 4.59 -6.89
N ASP A 39 -2.55 5.64 -7.61
CA ASP A 39 -1.88 6.10 -8.84
C ASP A 39 -0.37 6.34 -8.66
N PHE A 40 0.02 6.93 -7.53
CA PHE A 40 1.42 7.22 -7.15
C PHE A 40 1.65 7.16 -5.64
N LYS A 41 0.64 7.51 -4.82
CA LYS A 41 0.73 7.66 -3.35
C LYS A 41 0.40 6.40 -2.55
N CYS A 42 0.84 6.36 -1.30
CA CYS A 42 0.41 5.37 -0.30
C CYS A 42 -0.97 5.77 0.23
N ASN A 43 -2.00 4.93 0.10
CA ASN A 43 -3.40 5.32 0.40
C ASN A 43 -4.19 4.20 1.12
N CYS A 44 -3.51 3.45 1.99
CA CYS A 44 -4.03 2.38 2.84
C CYS A 44 -5.43 2.64 3.44
N ILE A 45 -6.22 1.57 3.53
CA ILE A 45 -7.65 1.57 3.85
C ILE A 45 -7.86 1.18 5.33
N LYS A 46 -8.85 1.76 6.02
CA LYS A 46 -9.10 1.55 7.46
C LYS A 46 -9.24 0.10 7.87
N LEU A 47 -9.95 -0.66 7.04
CA LEU A 47 -10.14 -2.11 7.06
C LEU A 47 -10.63 -2.61 5.70
N LYS A 1 -19.94 -6.54 -27.98
CA LYS A 1 -19.32 -7.73 -27.35
C LYS A 1 -17.88 -7.83 -27.84
N ILE A 2 -16.92 -8.08 -26.94
CA ILE A 2 -15.49 -8.07 -27.26
C ILE A 2 -15.18 -9.09 -28.38
N LYS A 3 -14.35 -8.72 -29.36
CA LYS A 3 -13.99 -9.58 -30.51
C LYS A 3 -12.70 -10.39 -30.32
N SER A 4 -11.82 -10.01 -29.38
CA SER A 4 -10.67 -10.80 -28.93
C SER A 4 -10.25 -10.43 -27.49
N GLY A 5 -9.98 -11.43 -26.65
CA GLY A 5 -9.62 -11.29 -25.25
C GLY A 5 -8.11 -11.17 -25.05
N TRP A 6 -7.74 -10.26 -24.16
CA TRP A 6 -6.36 -9.86 -23.86
C TRP A 6 -5.50 -10.96 -23.23
N GLU A 7 -4.20 -10.96 -23.55
CA GLU A 7 -3.17 -11.86 -22.98
C GLU A 7 -2.33 -11.18 -21.88
N ARG A 8 -2.23 -9.84 -21.90
CA ARG A 8 -1.48 -9.03 -20.92
C ARG A 8 -2.37 -8.32 -19.88
N LEU A 9 -1.80 -8.09 -18.69
CA LEU A 9 -2.38 -7.32 -17.59
C LEU A 9 -2.20 -5.80 -17.79
N THR A 10 -2.93 -4.98 -17.02
CA THR A 10 -2.69 -3.53 -16.93
C THR A 10 -1.37 -3.17 -16.21
N SER A 11 -0.78 -4.09 -15.43
CA SER A 11 0.54 -3.91 -14.80
C SER A 11 1.70 -4.29 -15.73
N GLU A 12 2.66 -3.38 -15.88
CA GLU A 12 3.91 -3.54 -16.65
C GLU A 12 5.12 -3.91 -15.77
N SER A 13 5.00 -3.76 -14.45
CA SER A 13 5.97 -4.15 -13.42
C SER A 13 5.91 -5.66 -13.12
N GLU A 14 7.04 -6.36 -13.01
CA GLU A 14 7.09 -7.82 -12.78
C GLU A 14 6.78 -8.21 -11.31
N TYR A 15 7.22 -7.41 -10.33
CA TYR A 15 7.06 -7.67 -8.88
C TYR A 15 6.11 -6.65 -8.22
N ALA A 16 5.51 -7.02 -7.09
CA ALA A 16 4.41 -6.25 -6.49
C ALA A 16 4.82 -4.89 -5.92
N CYS A 17 5.89 -4.83 -5.11
CA CYS A 17 6.26 -3.63 -4.33
C CYS A 17 7.76 -3.60 -3.94
N PRO A 18 8.48 -2.45 -4.05
CA PRO A 18 9.84 -2.29 -3.57
C PRO A 18 9.97 -2.47 -2.05
N ALA A 19 10.91 -3.33 -1.63
CA ALA A 19 11.03 -3.81 -0.25
C ALA A 19 11.43 -2.75 0.81
N ILE A 20 12.05 -1.63 0.39
CA ILE A 20 12.57 -0.60 1.31
C ILE A 20 11.54 0.52 1.61
N ASP A 21 10.52 0.71 0.77
CA ASP A 21 9.52 1.77 0.97
C ASP A 21 8.49 1.37 2.05
N LYS A 22 8.73 1.77 3.31
CA LYS A 22 8.01 1.28 4.51
C LYS A 22 7.40 2.38 5.41
N PHE A 23 7.41 3.63 4.98
CA PHE A 23 6.81 4.75 5.73
C PHE A 23 5.28 4.77 5.66
N CYS A 24 4.67 4.49 4.51
CA CYS A 24 3.21 4.42 4.39
C CYS A 24 2.61 3.34 5.32
N GLU A 25 3.30 2.20 5.48
CA GLU A 25 2.92 1.17 6.45
C GLU A 25 3.03 1.64 7.90
N ASP A 26 4.13 2.30 8.30
CA ASP A 26 4.33 2.90 9.64
C ASP A 26 3.24 3.95 9.98
N HIS A 27 2.95 4.83 9.02
CA HIS A 27 2.04 5.97 9.18
C HIS A 27 0.56 5.55 9.19
N CYS A 28 0.15 4.56 8.39
CA CYS A 28 -1.21 4.01 8.43
C CYS A 28 -1.43 2.99 9.55
N ALA A 29 -0.41 2.22 9.97
CA ALA A 29 -0.55 1.28 11.10
C ALA A 29 -0.93 2.01 12.40
N ALA A 30 -0.34 3.18 12.65
CA ALA A 30 -0.69 4.05 13.78
C ALA A 30 -2.16 4.51 13.81
N LYS A 31 -2.82 4.53 12.64
CA LYS A 31 -4.25 4.84 12.44
C LYS A 31 -5.08 3.60 12.07
N LYS A 32 -4.62 2.41 12.50
CA LYS A 32 -5.26 1.09 12.33
C LYS A 32 -5.73 0.82 10.90
N ALA A 33 -4.86 1.10 9.93
CA ALA A 33 -5.11 0.99 8.50
C ALA A 33 -3.93 0.36 7.72
N VAL A 34 -4.25 -0.29 6.60
CA VAL A 34 -3.32 -1.00 5.72
C VAL A 34 -2.57 -0.04 4.80
N GLY A 35 -1.24 0.03 4.90
CA GLY A 35 -0.39 0.83 4.02
C GLY A 35 -0.39 0.29 2.58
N LYS A 36 -0.81 1.12 1.61
CA LYS A 36 -0.84 0.78 0.17
C LYS A 36 0.43 1.20 -0.57
N CYS A 37 1.00 0.34 -1.40
CA CYS A 37 2.28 0.55 -2.07
C CYS A 37 2.15 1.26 -3.44
N ASP A 38 2.53 2.54 -3.50
CA ASP A 38 2.61 3.35 -4.73
C ASP A 38 3.85 4.27 -4.70
N ASP A 39 4.34 4.68 -5.87
CA ASP A 39 5.50 5.58 -6.01
C ASP A 39 5.28 6.98 -5.40
N PHE A 40 4.02 7.45 -5.37
CA PHE A 40 3.64 8.82 -4.95
C PHE A 40 2.47 8.87 -3.96
N LYS A 41 1.77 7.76 -3.72
CA LYS A 41 0.49 7.72 -2.97
C LYS A 41 0.49 6.69 -1.82
N CYS A 42 -0.51 6.82 -0.94
CA CYS A 42 -0.70 6.00 0.26
C CYS A 42 -2.20 5.88 0.60
N ASN A 43 -3.00 5.37 -0.34
CA ASN A 43 -4.46 5.23 -0.22
C ASN A 43 -4.85 4.01 0.64
N CYS A 44 -4.73 4.16 1.96
CA CYS A 44 -4.96 3.10 2.95
C CYS A 44 -6.45 2.70 3.11
N ILE A 45 -6.68 1.57 3.79
CA ILE A 45 -8.00 1.02 4.16
C ILE A 45 -7.98 0.60 5.63
N LYS A 46 -9.02 0.91 6.42
CA LYS A 46 -9.13 0.53 7.84
C LYS A 46 -9.18 -0.99 8.03
N LEU A 47 -8.52 -1.46 9.10
CA LEU A 47 -8.57 -2.84 9.62
C LEU A 47 -9.94 -3.19 10.20
N LYS A 1 25.12 -12.58 12.61
CA LYS A 1 25.06 -14.05 12.47
C LYS A 1 23.64 -14.58 12.32
N ILE A 2 22.69 -14.13 13.14
CA ILE A 2 21.27 -14.52 13.10
C ILE A 2 20.60 -14.06 11.78
N LYS A 3 19.70 -14.90 11.26
CA LYS A 3 18.93 -14.70 10.02
C LYS A 3 17.54 -14.10 10.28
N SER A 4 16.95 -13.48 9.23
CA SER A 4 15.56 -13.03 9.17
C SER A 4 15.09 -12.87 7.72
N GLY A 5 13.82 -13.21 7.45
CA GLY A 5 13.16 -12.99 6.16
C GLY A 5 13.44 -14.09 5.12
N TRP A 6 12.42 -14.37 4.30
CA TRP A 6 12.41 -15.49 3.35
C TRP A 6 13.36 -15.29 2.17
N GLU A 7 14.09 -16.34 1.80
CA GLU A 7 15.05 -16.37 0.69
C GLU A 7 14.42 -16.37 -0.72
N ARG A 8 13.09 -16.26 -0.83
CA ARG A 8 12.35 -16.01 -2.08
C ARG A 8 12.57 -14.60 -2.65
N LEU A 9 12.61 -14.51 -3.99
CA LEU A 9 12.60 -13.23 -4.72
C LEU A 9 11.23 -12.56 -4.62
N THR A 10 11.17 -11.23 -4.49
CA THR A 10 9.89 -10.50 -4.38
C THR A 10 9.05 -10.58 -5.66
N SER A 11 9.70 -10.80 -6.81
CA SER A 11 9.05 -11.08 -8.10
C SER A 11 8.29 -12.40 -8.17
N GLU A 12 8.34 -13.24 -7.12
CA GLU A 12 7.46 -14.41 -6.97
C GLU A 12 6.04 -14.02 -6.55
N SER A 13 5.82 -12.76 -6.13
CA SER A 13 4.50 -12.13 -5.95
C SER A 13 4.02 -11.51 -7.26
N GLU A 14 2.72 -11.44 -7.46
CA GLU A 14 2.07 -10.69 -8.55
C GLU A 14 1.96 -9.20 -8.20
N TYR A 15 1.84 -8.89 -6.91
CA TYR A 15 1.82 -7.55 -6.34
C TYR A 15 3.13 -7.29 -5.57
N ALA A 16 4.23 -7.14 -6.31
CA ALA A 16 5.61 -7.11 -5.83
C ALA A 16 6.06 -5.80 -5.12
N CYS A 17 5.14 -5.01 -4.56
CA CYS A 17 5.46 -3.71 -3.96
C CYS A 17 6.34 -3.82 -2.69
N PRO A 18 7.52 -3.16 -2.64
CA PRO A 18 8.33 -3.07 -1.42
C PRO A 18 7.71 -2.11 -0.39
N ALA A 19 8.11 -2.25 0.88
CA ALA A 19 7.60 -1.45 2.00
C ALA A 19 8.22 -0.04 2.13
N ILE A 20 8.76 0.55 1.05
CA ILE A 20 9.57 1.78 1.08
C ILE A 20 8.81 3.08 1.42
N ASP A 21 7.51 3.20 1.08
CA ASP A 21 6.67 4.29 1.58
C ASP A 21 6.32 4.04 3.06
N LYS A 22 7.12 4.61 3.96
CA LYS A 22 6.97 4.45 5.41
C LYS A 22 5.76 5.20 5.98
N PHE A 23 5.32 6.26 5.30
CA PHE A 23 4.09 6.99 5.62
C PHE A 23 2.83 6.17 5.28
N CYS A 24 2.90 5.28 4.29
CA CYS A 24 1.86 4.28 4.00
C CYS A 24 1.94 3.05 4.92
N GLU A 25 3.12 2.74 5.47
CA GLU A 25 3.35 1.67 6.48
C GLU A 25 3.05 2.11 7.93
N ASP A 26 4.04 2.71 8.60
CA ASP A 26 4.11 2.97 10.04
C ASP A 26 3.04 3.94 10.56
N HIS A 27 2.89 5.10 9.90
CA HIS A 27 1.93 6.14 10.27
C HIS A 27 0.47 5.67 10.16
N CYS A 28 0.15 4.84 9.17
CA CYS A 28 -1.15 4.19 9.05
C CYS A 28 -1.32 3.07 10.09
N ALA A 29 -0.32 2.20 10.24
CA ALA A 29 -0.36 1.04 11.13
C ALA A 29 -0.47 1.43 12.62
N ALA A 30 0.06 2.58 13.03
CA ALA A 30 -0.07 3.10 14.39
C ALA A 30 -1.55 3.26 14.81
N LYS A 31 -2.38 3.78 13.90
CA LYS A 31 -3.85 3.94 14.03
C LYS A 31 -4.65 2.75 13.48
N LYS A 32 -3.99 1.58 13.30
CA LYS A 32 -4.49 0.31 12.71
C LYS A 32 -5.08 0.37 11.30
N ALA A 33 -4.79 1.42 10.53
CA ALA A 33 -5.11 1.50 9.10
C ALA A 33 -4.14 0.63 8.28
N VAL A 34 -4.49 0.32 7.02
CA VAL A 34 -3.70 -0.56 6.13
C VAL A 34 -3.53 0.12 4.77
N GLY A 35 -2.37 -0.04 4.13
CA GLY A 35 -2.02 0.62 2.86
C GLY A 35 -2.67 0.03 1.60
N LYS A 36 -2.30 0.62 0.46
CA LYS A 36 -2.55 0.16 -0.91
C LYS A 36 -1.52 0.81 -1.85
N CYS A 37 -0.64 0.04 -2.46
CA CYS A 37 0.33 0.55 -3.43
C CYS A 37 -0.32 0.87 -4.79
N ASP A 38 -0.11 2.06 -5.32
CA ASP A 38 -0.42 2.44 -6.72
C ASP A 38 0.52 3.56 -7.19
N ASP A 39 0.85 3.63 -8.49
CA ASP A 39 1.92 4.49 -9.02
C ASP A 39 1.77 5.99 -8.68
N PHE A 40 0.54 6.50 -8.66
CA PHE A 40 0.22 7.90 -8.33
C PHE A 40 0.62 8.26 -6.89
N LYS A 41 0.20 7.45 -5.90
CA LYS A 41 0.64 7.45 -4.49
C LYS A 41 0.03 6.25 -3.75
N CYS A 42 0.78 5.70 -2.79
CA CYS A 42 0.26 4.70 -1.85
C CYS A 42 -0.73 5.36 -0.87
N ASN A 43 -1.90 4.76 -0.65
CA ASN A 43 -3.01 5.38 0.09
C ASN A 43 -3.71 4.37 1.02
N CYS A 44 -3.82 4.71 2.30
CA CYS A 44 -4.38 3.85 3.35
C CYS A 44 -5.92 3.84 3.42
N ILE A 45 -6.46 2.81 4.11
CA ILE A 45 -7.88 2.40 4.13
C ILE A 45 -8.93 3.32 4.79
N LYS A 46 -8.54 4.53 5.20
CA LYS A 46 -9.37 5.61 5.78
C LYS A 46 -10.37 5.14 6.84
N LEU A 47 -9.91 5.10 8.10
CA LEU A 47 -10.63 4.54 9.27
C LEU A 47 -11.54 5.53 10.01
N LYS A 1 28.29 15.90 6.55
CA LYS A 1 28.67 17.03 5.66
C LYS A 1 28.24 16.80 4.21
N ILE A 2 28.61 15.67 3.58
CA ILE A 2 28.37 15.39 2.15
C ILE A 2 27.31 14.31 1.89
N LYS A 3 26.67 14.36 0.70
CA LYS A 3 25.80 13.30 0.20
C LYS A 3 26.54 11.99 -0.07
N SER A 4 25.86 10.87 0.12
CA SER A 4 26.33 9.51 -0.15
C SER A 4 25.12 8.60 -0.40
N GLY A 5 25.33 7.39 -0.91
CA GLY A 5 24.28 6.46 -1.32
C GLY A 5 23.71 6.77 -2.70
N TRP A 6 23.10 5.76 -3.31
CA TRP A 6 22.51 5.87 -4.65
C TRP A 6 21.23 6.72 -4.68
N GLU A 7 20.89 7.22 -5.87
CA GLU A 7 19.80 8.16 -6.15
C GLU A 7 19.04 7.87 -7.45
N ARG A 8 19.54 6.97 -8.31
CA ARG A 8 18.82 6.43 -9.47
C ARG A 8 18.04 5.15 -9.12
N LEU A 9 16.91 4.92 -9.78
CA LEU A 9 16.10 3.69 -9.62
C LEU A 9 16.92 2.43 -9.97
N THR A 10 16.68 1.32 -9.28
CA THR A 10 17.53 0.11 -9.35
C THR A 10 17.44 -0.68 -10.67
N SER A 11 16.50 -0.34 -11.55
CA SER A 11 16.27 -1.03 -12.83
C SER A 11 15.67 -0.09 -13.87
N GLU A 12 15.97 -0.33 -15.15
CA GLU A 12 15.32 0.28 -16.32
C GLU A 12 13.88 -0.21 -16.54
N SER A 13 13.48 -1.33 -15.91
CA SER A 13 12.22 -2.05 -16.14
C SER A 13 10.97 -1.31 -15.63
N GLU A 14 9.81 -1.67 -16.19
CA GLU A 14 8.47 -1.09 -15.99
C GLU A 14 7.81 -1.50 -14.66
N TYR A 15 8.57 -1.45 -13.57
CA TYR A 15 8.23 -2.00 -12.24
C TYR A 15 6.92 -1.43 -11.62
N ALA A 16 6.26 -2.28 -10.83
CA ALA A 16 4.96 -2.07 -10.19
C ALA A 16 5.06 -1.32 -8.84
N CYS A 17 3.97 -0.66 -8.43
CA CYS A 17 3.76 -0.09 -7.10
C CYS A 17 4.89 0.86 -6.61
N PRO A 18 5.09 2.04 -7.23
CA PRO A 18 6.10 3.02 -6.81
C PRO A 18 5.75 3.73 -5.49
N ALA A 19 4.46 4.01 -5.24
CA ALA A 19 3.96 4.89 -4.18
C ALA A 19 4.04 4.39 -2.71
N ILE A 20 4.94 3.46 -2.39
CA ILE A 20 5.20 3.06 -0.99
C ILE A 20 6.14 4.07 -0.31
N ASP A 21 5.88 4.39 0.96
CA ASP A 21 6.70 5.22 1.84
C ASP A 21 6.41 4.91 3.33
N LYS A 22 7.09 5.58 4.27
CA LYS A 22 6.88 5.39 5.71
C LYS A 22 5.48 5.82 6.20
N PHE A 23 4.80 6.72 5.49
CA PHE A 23 3.40 7.01 5.80
C PHE A 23 2.51 5.77 5.55
N CYS A 24 2.71 5.11 4.41
CA CYS A 24 2.03 3.87 4.01
C CYS A 24 2.42 2.62 4.85
N GLU A 25 3.65 2.55 5.39
CA GLU A 25 4.20 1.36 6.07
C GLU A 25 4.49 1.52 7.59
N ASP A 26 4.21 2.69 8.18
CA ASP A 26 4.38 2.95 9.62
C ASP A 26 3.28 3.86 10.19
N HIS A 27 3.05 5.05 9.62
CA HIS A 27 2.07 6.01 10.13
C HIS A 27 0.63 5.48 10.08
N CYS A 28 0.19 5.00 8.91
CA CYS A 28 -1.14 4.41 8.75
C CYS A 28 -1.34 3.15 9.61
N ALA A 29 -0.28 2.36 9.86
CA ALA A 29 -0.31 1.23 10.79
C ALA A 29 -0.49 1.65 12.26
N ALA A 30 0.10 2.78 12.68
CA ALA A 30 -0.12 3.38 13.99
C ALA A 30 -1.57 3.88 14.17
N LYS A 31 -2.16 4.48 13.14
CA LYS A 31 -3.59 4.81 13.03
C LYS A 31 -4.48 3.61 12.58
N LYS A 32 -4.01 2.37 12.78
CA LYS A 32 -4.67 1.06 12.58
C LYS A 32 -5.24 0.73 11.19
N ALA A 33 -4.99 1.56 10.18
CA ALA A 33 -5.47 1.42 8.80
C ALA A 33 -4.72 0.35 7.98
N VAL A 34 -5.02 0.23 6.68
CA VAL A 34 -4.37 -0.71 5.74
C VAL A 34 -3.97 0.00 4.44
N GLY A 35 -2.68 -0.01 4.09
CA GLY A 35 -2.12 0.71 2.95
C GLY A 35 -2.18 -0.04 1.61
N LYS A 36 -2.68 0.63 0.56
CA LYS A 36 -2.75 0.13 -0.82
C LYS A 36 -1.66 0.67 -1.73
N CYS A 37 -1.19 -0.15 -2.66
CA CYS A 37 -0.34 0.27 -3.77
C CYS A 37 -1.07 1.27 -4.70
N ASP A 38 -0.32 2.23 -5.25
CA ASP A 38 -0.81 3.16 -6.26
C ASP A 38 0.32 3.63 -7.19
N ASP A 39 -0.05 4.23 -8.32
CA ASP A 39 0.89 4.90 -9.24
C ASP A 39 1.41 6.24 -8.69
N PHE A 40 0.65 6.90 -7.80
CA PHE A 40 0.91 8.28 -7.35
C PHE A 40 0.88 8.48 -5.82
N LYS A 41 0.00 7.80 -5.08
CA LYS A 41 -0.19 7.96 -3.62
C LYS A 41 -0.91 6.76 -2.99
N CYS A 42 -0.29 6.15 -1.98
CA CYS A 42 -0.84 5.05 -1.21
C CYS A 42 -2.16 5.44 -0.52
N ASN A 43 -3.21 4.61 -0.69
CA ASN A 43 -4.50 4.80 -0.03
C ASN A 43 -4.53 4.01 1.28
N CYS A 44 -4.66 4.66 2.43
CA CYS A 44 -4.83 3.98 3.71
C CYS A 44 -6.33 3.78 4.01
N ILE A 45 -6.82 2.57 3.73
CA ILE A 45 -8.22 2.18 3.92
C ILE A 45 -8.51 2.00 5.42
N LYS A 46 -9.64 2.56 5.86
CA LYS A 46 -10.13 2.45 7.25
C LYS A 46 -10.81 1.11 7.55
N LEU A 47 -10.79 0.74 8.83
CA LEU A 47 -11.56 -0.36 9.42
C LEU A 47 -13.04 0.01 9.56
N LYS A 1 -16.11 -25.92 14.74
CA LYS A 1 -14.68 -26.30 14.71
C LYS A 1 -13.89 -25.58 13.61
N ILE A 2 -14.41 -25.47 12.38
CA ILE A 2 -13.74 -24.84 11.22
C ILE A 2 -14.24 -23.40 10.98
N LYS A 3 -13.30 -22.46 10.84
CA LYS A 3 -13.53 -21.08 10.35
C LYS A 3 -13.06 -20.91 8.89
N SER A 4 -12.00 -21.63 8.50
CA SER A 4 -11.36 -21.57 7.16
C SER A 4 -10.83 -20.17 6.79
N GLY A 5 -10.24 -20.02 5.60
CA GLY A 5 -9.65 -18.78 5.11
C GLY A 5 -9.39 -18.78 3.60
N TRP A 6 -8.94 -17.62 3.12
CA TRP A 6 -8.66 -17.30 1.72
C TRP A 6 -7.41 -18.00 1.15
N GLU A 7 -7.28 -18.02 -0.18
CA GLU A 7 -6.20 -18.71 -0.93
C GLU A 7 -4.83 -17.98 -0.88
N ARG A 8 -4.74 -16.85 -0.16
CA ARG A 8 -3.54 -15.99 -0.05
C ARG A 8 -2.29 -16.72 0.47
N LEU A 9 -1.13 -16.28 -0.01
CA LEU A 9 0.21 -16.76 0.36
C LEU A 9 0.56 -16.44 1.83
N THR A 10 1.40 -17.27 2.43
CA THR A 10 1.85 -17.15 3.83
C THR A 10 2.92 -16.06 4.10
N SER A 11 3.24 -15.22 3.11
CA SER A 11 4.07 -14.01 3.28
C SER A 11 3.81 -12.98 2.17
N GLU A 12 3.80 -11.69 2.55
CA GLU A 12 3.77 -10.55 1.64
C GLU A 12 5.12 -10.31 0.90
N SER A 13 6.05 -11.29 0.94
CA SER A 13 7.37 -11.21 0.30
C SER A 13 7.29 -10.75 -1.15
N GLU A 14 8.14 -9.78 -1.52
CA GLU A 14 8.21 -9.09 -2.83
C GLU A 14 6.90 -8.47 -3.35
N TYR A 15 5.91 -8.27 -2.46
CA TYR A 15 4.66 -7.51 -2.68
C TYR A 15 4.40 -6.45 -1.56
N ALA A 16 5.19 -6.47 -0.49
CA ALA A 16 5.15 -5.52 0.61
C ALA A 16 5.66 -4.12 0.22
N CYS A 17 5.39 -3.12 1.06
CA CYS A 17 5.98 -1.78 0.97
C CYS A 17 7.49 -1.83 1.27
N PRO A 18 8.39 -1.41 0.34
CA PRO A 18 9.84 -1.56 0.51
C PRO A 18 10.41 -0.57 1.55
N ALA A 19 11.61 -0.83 2.05
CA ALA A 19 12.24 -0.05 3.14
C ALA A 19 12.40 1.45 2.85
N ILE A 20 12.53 1.86 1.58
CA ILE A 20 12.52 3.28 1.15
C ILE A 20 11.14 3.95 1.27
N ASP A 21 10.04 3.19 1.29
CA ASP A 21 8.66 3.66 1.42
C ASP A 21 7.98 3.26 2.76
N LYS A 22 8.62 2.38 3.56
CA LYS A 22 8.11 1.74 4.79
C LYS A 22 7.42 2.68 5.79
N PHE A 23 7.84 3.93 5.85
CA PHE A 23 7.21 4.97 6.67
C PHE A 23 5.71 5.12 6.42
N CYS A 24 5.23 4.88 5.18
CA CYS A 24 3.81 4.90 4.85
C CYS A 24 3.03 3.75 5.52
N GLU A 25 3.61 2.56 5.62
CA GLU A 25 3.01 1.43 6.34
C GLU A 25 2.98 1.72 7.85
N ASP A 26 4.07 2.22 8.41
CA ASP A 26 4.15 2.59 9.84
C ASP A 26 3.20 3.75 10.21
N HIS A 27 2.95 4.68 9.29
CA HIS A 27 1.96 5.75 9.43
C HIS A 27 0.52 5.21 9.38
N CYS A 28 0.20 4.34 8.41
CA CYS A 28 -1.10 3.68 8.37
C CYS A 28 -1.33 2.76 9.58
N ALA A 29 -0.28 2.12 10.13
CA ALA A 29 -0.38 1.33 11.35
C ALA A 29 -0.74 2.21 12.57
N ALA A 30 -0.24 3.44 12.67
CA ALA A 30 -0.65 4.39 13.70
C ALA A 30 -2.14 4.78 13.55
N LYS A 31 -2.59 4.98 12.30
CA LYS A 31 -4.01 5.22 11.91
C LYS A 31 -4.89 3.97 12.04
N LYS A 32 -4.32 2.80 12.38
CA LYS A 32 -4.96 1.48 12.44
C LYS A 32 -5.58 1.03 11.11
N ALA A 33 -4.79 1.12 10.05
CA ALA A 33 -5.15 0.89 8.64
C ALA A 33 -4.03 0.14 7.87
N VAL A 34 -4.33 -0.37 6.67
CA VAL A 34 -3.42 -1.14 5.78
C VAL A 34 -3.64 -0.77 4.30
N GLY A 35 -2.58 -0.76 3.47
CA GLY A 35 -2.74 -0.61 2.01
C GLY A 35 -1.45 -0.40 1.19
N LYS A 36 -1.53 0.57 0.27
CA LYS A 36 -0.57 0.89 -0.80
C LYS A 36 0.62 1.75 -0.33
N CYS A 37 1.65 1.82 -1.17
CA CYS A 37 2.79 2.74 -1.07
C CYS A 37 3.17 3.35 -2.43
N ASP A 38 3.68 4.58 -2.43
CA ASP A 38 4.28 5.25 -3.58
C ASP A 38 5.18 6.43 -3.12
N ASP A 39 5.87 7.04 -4.08
CA ASP A 39 6.74 8.19 -3.85
C ASP A 39 5.93 9.44 -3.40
N PHE A 40 4.66 9.54 -3.80
CA PHE A 40 3.80 10.71 -3.54
C PHE A 40 2.41 10.40 -2.96
N LYS A 41 2.00 9.12 -2.80
CA LYS A 41 0.71 8.74 -2.19
C LYS A 41 0.68 7.32 -1.64
N CYS A 42 -0.05 7.10 -0.55
CA CYS A 42 -0.11 5.82 0.19
C CYS A 42 -1.53 5.53 0.71
N ASN A 43 -2.45 5.11 -0.16
CA ASN A 43 -3.86 4.84 0.16
C ASN A 43 -4.01 3.60 1.06
N CYS A 44 -4.67 3.76 2.21
CA CYS A 44 -4.93 2.71 3.21
C CYS A 44 -6.40 2.64 3.64
N ILE A 45 -6.90 1.43 3.90
CA ILE A 45 -8.23 1.15 4.46
C ILE A 45 -8.12 0.77 5.95
N LYS A 46 -9.02 1.29 6.78
CA LYS A 46 -9.05 1.06 8.25
C LYS A 46 -9.42 -0.38 8.62
N LEU A 47 -8.86 -0.88 9.73
CA LEU A 47 -9.09 -2.24 10.25
C LEU A 47 -10.37 -2.38 11.06
N LYS A 1 -14.61 -10.59 -19.66
CA LYS A 1 -14.96 -9.29 -20.27
C LYS A 1 -14.44 -8.10 -19.46
N ILE A 2 -14.54 -8.08 -18.12
CA ILE A 2 -14.04 -6.96 -17.30
C ILE A 2 -12.50 -6.86 -17.24
N LYS A 3 -11.79 -7.99 -17.16
CA LYS A 3 -10.32 -8.00 -16.93
C LYS A 3 -9.54 -7.34 -18.06
N SER A 4 -8.53 -6.54 -17.70
CA SER A 4 -7.63 -5.83 -18.61
C SER A 4 -6.18 -5.75 -18.08
N GLY A 5 -5.21 -5.50 -18.97
CA GLY A 5 -3.77 -5.48 -18.65
C GLY A 5 -3.28 -4.28 -17.82
N TRP A 6 -4.02 -3.16 -17.80
CA TRP A 6 -3.66 -1.96 -17.04
C TRP A 6 -3.85 -2.10 -15.52
N GLU A 7 -4.48 -3.19 -15.05
CA GLU A 7 -4.76 -3.46 -13.64
C GLU A 7 -3.53 -3.94 -12.84
N ARG A 8 -2.46 -4.31 -13.55
CA ARG A 8 -1.17 -4.76 -13.02
C ARG A 8 -0.56 -3.68 -12.11
N LEU A 9 -0.11 -4.08 -10.91
CA LEU A 9 0.43 -3.16 -9.90
C LEU A 9 1.79 -2.61 -10.35
N THR A 10 1.90 -1.27 -10.41
CA THR A 10 3.11 -0.59 -10.93
C THR A 10 4.30 -0.72 -9.98
N SER A 11 4.07 -0.74 -8.66
CA SER A 11 5.07 -1.02 -7.61
C SER A 11 5.06 -2.51 -7.21
N GLU A 12 6.21 -3.04 -6.81
CA GLU A 12 6.36 -4.42 -6.31
C GLU A 12 5.68 -4.67 -4.95
N SER A 13 5.42 -3.63 -4.16
CA SER A 13 4.67 -3.69 -2.91
C SER A 13 4.02 -2.35 -2.53
N GLU A 14 3.38 -2.29 -1.37
CA GLU A 14 2.83 -1.06 -0.76
C GLU A 14 3.90 -0.15 -0.10
N TYR A 15 5.19 -0.41 -0.35
CA TYR A 15 6.34 0.31 0.20
C TYR A 15 7.23 0.83 -0.94
N ALA A 16 7.97 1.92 -0.71
CA ALA A 16 8.85 2.60 -1.67
C ALA A 16 8.18 3.15 -2.97
N CYS A 17 6.85 3.19 -3.04
CA CYS A 17 6.07 3.81 -4.13
C CYS A 17 6.46 5.29 -4.35
N PRO A 18 6.26 5.89 -5.54
CA PRO A 18 6.81 7.22 -5.88
C PRO A 18 6.56 8.33 -4.87
N ALA A 19 5.30 8.65 -4.54
CA ALA A 19 4.95 9.73 -3.61
C ALA A 19 4.87 9.28 -2.12
N ILE A 20 5.47 8.14 -1.75
CA ILE A 20 5.32 7.54 -0.41
C ILE A 20 6.26 8.16 0.65
N ASP A 21 5.86 8.06 1.91
CA ASP A 21 6.66 8.35 3.11
C ASP A 21 6.07 7.59 4.32
N LYS A 22 6.58 7.81 5.54
CA LYS A 22 6.14 7.09 6.75
C LYS A 22 4.67 7.34 7.12
N PHE A 23 4.06 8.41 6.63
CA PHE A 23 2.62 8.67 6.71
C PHE A 23 1.77 7.60 5.97
N CYS A 24 2.42 6.78 5.13
CA CYS A 24 1.88 5.57 4.50
C CYS A 24 2.60 4.28 4.96
N GLU A 25 3.91 4.31 5.21
CA GLU A 25 4.72 3.12 5.56
C GLU A 25 4.76 2.74 7.06
N ASP A 26 4.27 3.59 7.97
CA ASP A 26 4.24 3.33 9.43
C ASP A 26 2.96 3.87 10.14
N HIS A 27 2.53 5.09 9.78
CA HIS A 27 1.44 5.80 10.48
C HIS A 27 0.05 5.19 10.26
N CYS A 28 -0.23 4.62 9.08
CA CYS A 28 -1.52 3.95 8.83
C CYS A 28 -1.65 2.70 9.71
N ALA A 29 -0.57 1.93 9.88
CA ALA A 29 -0.54 0.81 10.83
C ALA A 29 -0.77 1.28 12.28
N ALA A 30 -0.18 2.40 12.69
CA ALA A 30 -0.42 2.99 14.00
C ALA A 30 -1.90 3.38 14.20
N LYS A 31 -2.55 3.96 13.17
CA LYS A 31 -4.00 4.27 13.16
C LYS A 31 -4.92 3.07 12.82
N LYS A 32 -4.39 1.84 12.80
CA LYS A 32 -5.09 0.57 12.48
C LYS A 32 -5.68 0.47 11.06
N ALA A 33 -5.28 1.35 10.16
CA ALA A 33 -5.55 1.28 8.72
C ALA A 33 -4.55 0.32 8.02
N VAL A 34 -4.76 0.03 6.74
CA VAL A 34 -3.89 -0.87 5.94
C VAL A 34 -3.22 -0.10 4.80
N GLY A 35 -1.90 -0.24 4.64
CA GLY A 35 -1.11 0.46 3.63
C GLY A 35 -1.46 0.06 2.20
N LYS A 36 -1.41 1.01 1.27
CA LYS A 36 -1.88 0.86 -0.11
C LYS A 36 -1.26 1.89 -1.05
N CYS A 37 -0.80 1.47 -2.22
CA CYS A 37 -0.45 2.39 -3.31
C CYS A 37 -1.43 2.23 -4.48
N ASP A 38 -1.85 3.36 -5.06
CA ASP A 38 -2.57 3.42 -6.33
C ASP A 38 -1.55 3.48 -7.48
N ASP A 39 -1.69 4.39 -8.45
CA ASP A 39 -0.80 4.49 -9.62
C ASP A 39 0.51 5.25 -9.33
N PHE A 40 0.49 6.19 -8.38
CA PHE A 40 1.63 7.02 -7.99
C PHE A 40 1.65 7.40 -6.49
N LYS A 41 0.49 7.58 -5.85
CA LYS A 41 0.35 7.96 -4.42
C LYS A 41 -0.31 6.89 -3.52
N CYS A 42 -0.19 7.07 -2.21
CA CYS A 42 -0.78 6.22 -1.18
C CYS A 42 -2.30 6.40 -1.02
N ASN A 43 -3.00 5.34 -0.58
CA ASN A 43 -4.44 5.33 -0.37
C ASN A 43 -4.83 4.39 0.79
N CYS A 44 -4.33 4.62 2.01
CA CYS A 44 -4.51 3.68 3.13
C CYS A 44 -5.99 3.36 3.41
N ILE A 45 -6.29 2.07 3.55
CA ILE A 45 -7.66 1.55 3.65
C ILE A 45 -8.31 1.90 4.99
N LYS A 46 -9.51 2.49 4.95
CA LYS A 46 -10.39 2.66 6.11
C LYS A 46 -11.23 1.41 6.33
N LEU A 47 -11.16 0.84 7.55
CA LEU A 47 -11.93 -0.33 8.02
C LEU A 47 -12.23 -0.27 9.52
N LYS A 1 -8.10 11.82 -26.25
CA LYS A 1 -7.71 10.43 -26.58
C LYS A 1 -7.34 9.66 -25.32
N ILE A 2 -7.52 8.34 -25.32
CA ILE A 2 -7.16 7.44 -24.20
C ILE A 2 -5.64 7.46 -23.97
N LYS A 3 -5.19 7.65 -22.72
CA LYS A 3 -3.77 7.76 -22.34
C LYS A 3 -3.14 6.39 -22.06
N SER A 4 -1.80 6.32 -22.12
CA SER A 4 -1.04 5.08 -21.86
C SER A 4 -1.01 4.68 -20.38
N GLY A 5 -0.89 3.37 -20.12
CA GLY A 5 -0.82 2.75 -18.79
C GLY A 5 -2.17 2.59 -18.08
N TRP A 6 -2.29 1.56 -17.25
CA TRP A 6 -3.46 1.35 -16.39
C TRP A 6 -3.43 2.26 -15.15
N GLU A 7 -4.59 2.47 -14.53
CA GLU A 7 -4.78 3.40 -13.40
C GLU A 7 -4.20 2.89 -12.06
N ARG A 8 -3.94 1.58 -11.93
CA ARG A 8 -3.61 0.89 -10.68
C ARG A 8 -2.10 0.90 -10.34
N LEU A 9 -1.79 0.65 -9.07
CA LEU A 9 -0.41 0.43 -8.59
C LEU A 9 0.05 -1.00 -8.93
N THR A 10 1.22 -1.16 -9.55
CA THR A 10 1.67 -2.46 -10.10
C THR A 10 2.53 -3.27 -9.11
N SER A 11 2.00 -4.42 -8.72
CA SER A 11 2.70 -5.51 -8.00
C SER A 11 1.85 -6.79 -8.05
N GLU A 12 2.49 -7.94 -8.24
CA GLU A 12 1.88 -9.27 -8.10
C GLU A 12 1.89 -9.77 -6.64
N SER A 13 2.81 -9.27 -5.82
CA SER A 13 3.07 -9.78 -4.47
C SER A 13 1.97 -9.40 -3.47
N GLU A 14 1.85 -10.18 -2.39
CA GLU A 14 0.85 -9.97 -1.34
C GLU A 14 1.08 -8.68 -0.52
N TYR A 15 2.34 -8.28 -0.32
CA TYR A 15 2.72 -7.08 0.43
C TYR A 15 2.29 -5.76 -0.27
N ALA A 16 2.19 -4.66 0.47
CA ALA A 16 1.64 -3.39 -0.01
C ALA A 16 2.40 -2.76 -1.20
N CYS A 17 3.74 -2.90 -1.24
CA CYS A 17 4.60 -2.47 -2.36
C CYS A 17 6.04 -3.04 -2.21
N PRO A 18 6.85 -3.08 -3.28
CA PRO A 18 8.23 -3.59 -3.25
C PRO A 18 9.23 -2.64 -2.54
N ALA A 19 9.09 -2.50 -1.22
CA ALA A 19 9.94 -1.75 -0.29
C ALA A 19 10.11 -0.24 -0.57
N ILE A 20 9.20 0.36 -1.35
CA ILE A 20 9.32 1.74 -1.89
C ILE A 20 9.38 2.83 -0.80
N ASP A 21 8.62 2.68 0.28
CA ASP A 21 8.62 3.60 1.43
C ASP A 21 8.31 2.86 2.74
N LYS A 22 9.11 3.09 3.79
CA LYS A 22 8.82 2.56 5.15
C LYS A 22 7.87 3.46 5.94
N PHE A 23 7.97 4.78 5.75
CA PHE A 23 7.28 5.77 6.59
C PHE A 23 5.76 5.66 6.49
N CYS A 24 5.18 5.50 5.30
CA CYS A 24 3.73 5.35 5.18
C CYS A 24 3.23 4.00 5.75
N GLU A 25 4.01 2.92 5.71
CA GLU A 25 3.63 1.63 6.32
C GLU A 25 3.58 1.70 7.86
N ASP A 26 4.51 2.42 8.49
CA ASP A 26 4.48 2.71 9.93
C ASP A 26 3.39 3.75 10.29
N HIS A 27 3.06 4.66 9.37
CA HIS A 27 1.99 5.65 9.54
C HIS A 27 0.62 4.99 9.54
N CYS A 28 0.30 4.19 8.51
CA CYS A 28 -1.00 3.51 8.39
C CYS A 28 -1.22 2.53 9.55
N ALA A 29 -0.19 1.84 10.04
CA ALA A 29 -0.30 0.97 11.22
C ALA A 29 -0.70 1.74 12.50
N ALA A 30 -0.09 2.91 12.75
CA ALA A 30 -0.45 3.78 13.90
C ALA A 30 -1.82 4.45 13.72
N LYS A 31 -2.15 4.86 12.48
CA LYS A 31 -3.44 5.45 12.08
C LYS A 31 -4.53 4.42 11.75
N LYS A 32 -4.40 3.18 12.23
CA LYS A 32 -5.39 2.09 12.12
C LYS A 32 -5.96 1.90 10.70
N ALA A 33 -5.07 1.75 9.73
CA ALA A 33 -5.39 1.62 8.31
C ALA A 33 -4.51 0.58 7.59
N VAL A 34 -4.99 0.02 6.47
CA VAL A 34 -4.29 -1.00 5.67
C VAL A 34 -4.52 -0.75 4.18
N GLY A 35 -3.47 -0.89 3.36
CA GLY A 35 -3.52 -0.78 1.90
C GLY A 35 -2.16 -0.63 1.23
N LYS A 36 -2.18 -0.32 -0.08
CA LYS A 36 -1.01 -0.22 -0.97
C LYS A 36 0.00 0.86 -0.55
N CYS A 37 1.25 0.74 -1.02
CA CYS A 37 2.24 1.82 -0.91
C CYS A 37 2.90 2.25 -2.23
N ASP A 38 3.39 3.49 -2.25
CA ASP A 38 3.97 4.18 -3.41
C ASP A 38 4.78 5.40 -2.92
N ASP A 39 5.58 6.04 -3.78
CA ASP A 39 6.19 7.32 -3.39
C ASP A 39 5.18 8.49 -3.38
N PHE A 40 4.18 8.47 -4.27
CA PHE A 40 3.21 9.56 -4.42
C PHE A 40 2.15 9.58 -3.30
N LYS A 41 1.38 8.50 -3.14
CA LYS A 41 0.39 8.29 -2.06
C LYS A 41 0.27 6.79 -1.74
N CYS A 42 0.10 6.45 -0.47
CA CYS A 42 -0.21 5.07 -0.03
C CYS A 42 -1.72 4.91 0.19
N ASN A 43 -2.36 3.93 -0.46
CA ASN A 43 -3.83 3.79 -0.54
C ASN A 43 -4.43 3.03 0.66
N CYS A 44 -4.09 3.47 1.87
CA CYS A 44 -4.55 2.88 3.12
C CYS A 44 -6.04 3.21 3.42
N ILE A 45 -6.83 2.19 3.70
CA ILE A 45 -8.24 2.30 4.12
C ILE A 45 -8.37 1.97 5.62
N LYS A 46 -9.15 2.77 6.36
CA LYS A 46 -9.33 2.66 7.83
C LYS A 46 -9.98 1.33 8.27
N LEU A 47 -9.60 0.84 9.45
CA LEU A 47 -10.11 -0.38 10.10
C LEU A 47 -11.47 -0.22 10.78
N LYS A 1 17.15 -14.03 11.07
CA LYS A 1 17.73 -13.60 9.78
C LYS A 1 19.23 -13.85 9.79
N ILE A 2 19.76 -14.49 8.74
CA ILE A 2 21.18 -14.88 8.66
C ILE A 2 22.14 -13.69 8.77
N LYS A 3 23.30 -13.91 9.39
CA LYS A 3 24.30 -12.87 9.67
C LYS A 3 25.06 -12.41 8.42
N SER A 4 25.32 -11.10 8.32
CA SER A 4 26.05 -10.45 7.21
C SER A 4 26.86 -9.23 7.71
N GLY A 5 27.75 -8.69 6.86
CA GLY A 5 28.56 -7.50 7.13
C GLY A 5 27.94 -6.17 6.64
N TRP A 6 26.71 -6.21 6.11
CA TRP A 6 26.01 -5.06 5.51
C TRP A 6 24.58 -4.87 6.02
N GLU A 7 24.16 -3.61 6.18
CA GLU A 7 22.80 -3.20 6.59
C GLU A 7 21.76 -3.30 5.45
N ARG A 8 22.15 -3.87 4.30
CA ARG A 8 21.38 -3.99 3.06
C ARG A 8 19.96 -4.55 3.22
N LEU A 9 19.05 -4.06 2.37
CA LEU A 9 17.63 -4.41 2.35
C LEU A 9 17.34 -5.83 1.84
N THR A 10 16.20 -6.38 2.29
CA THR A 10 15.68 -7.69 1.87
C THR A 10 15.18 -7.70 0.41
N SER A 11 14.51 -6.64 -0.03
CA SER A 11 13.97 -6.38 -1.39
C SER A 11 12.91 -7.35 -1.97
N GLU A 12 12.81 -8.56 -1.43
CA GLU A 12 11.99 -9.67 -1.96
C GLU A 12 10.93 -10.17 -0.95
N SER A 13 10.42 -9.26 -0.11
CA SER A 13 9.40 -9.55 0.91
C SER A 13 8.03 -9.96 0.33
N GLU A 14 7.25 -10.71 1.10
CA GLU A 14 5.98 -11.33 0.67
C GLU A 14 4.85 -10.32 0.39
N TYR A 15 4.76 -9.23 1.18
CA TYR A 15 3.70 -8.24 1.09
C TYR A 15 3.93 -7.26 -0.09
N ALA A 16 2.83 -6.76 -0.67
CA ALA A 16 2.83 -5.97 -1.89
C ALA A 16 3.70 -4.70 -1.85
N CYS A 17 4.28 -4.36 -3.01
CA CYS A 17 5.16 -3.21 -3.21
C CYS A 17 6.28 -3.09 -2.16
N PRO A 18 7.30 -3.99 -2.14
CA PRO A 18 8.38 -3.98 -1.15
C PRO A 18 9.21 -2.69 -1.05
N ALA A 19 9.11 -1.77 -2.02
CA ALA A 19 9.83 -0.49 -2.04
C ALA A 19 8.96 0.74 -1.63
N ILE A 20 7.73 0.53 -1.16
CA ILE A 20 6.75 1.60 -0.89
C ILE A 20 7.19 2.59 0.19
N ASP A 21 6.67 3.82 0.13
CA ASP A 21 6.87 4.91 1.09
C ASP A 21 6.49 4.51 2.53
N LYS A 22 7.42 4.69 3.49
CA LYS A 22 7.31 4.17 4.86
C LYS A 22 6.10 4.70 5.63
N PHE A 23 5.62 5.90 5.30
CA PHE A 23 4.38 6.47 5.84
C PHE A 23 3.20 5.48 5.67
N CYS A 24 3.12 4.84 4.51
CA CYS A 24 2.03 3.93 4.13
C CYS A 24 2.10 2.59 4.89
N GLU A 25 3.30 2.12 5.26
CA GLU A 25 3.49 0.83 5.95
C GLU A 25 3.68 0.94 7.48
N ASP A 26 3.99 2.12 8.01
CA ASP A 26 4.27 2.34 9.44
C ASP A 26 3.35 3.39 10.11
N HIS A 27 3.15 4.57 9.53
CA HIS A 27 2.26 5.60 10.12
C HIS A 27 0.80 5.15 10.06
N CYS A 28 0.37 4.60 8.93
CA CYS A 28 -0.95 3.98 8.80
C CYS A 28 -1.14 2.80 9.78
N ALA A 29 -0.12 1.98 10.01
CA ALA A 29 -0.16 0.88 10.99
C ALA A 29 -0.29 1.38 12.45
N ALA A 30 0.27 2.54 12.78
CA ALA A 30 0.04 3.21 14.07
C ALA A 30 -1.39 3.78 14.18
N LYS A 31 -1.89 4.39 13.10
CA LYS A 31 -3.28 4.88 12.95
C LYS A 31 -4.31 3.79 12.62
N LYS A 32 -3.99 2.52 12.91
CA LYS A 32 -4.85 1.32 12.80
C LYS A 32 -5.54 1.18 11.42
N ALA A 33 -4.78 1.53 10.39
CA ALA A 33 -5.17 1.53 8.98
C ALA A 33 -4.29 0.57 8.16
N VAL A 34 -4.69 0.29 6.92
CA VAL A 34 -4.01 -0.64 6.01
C VAL A 34 -3.82 0.00 4.63
N GLY A 35 -2.61 -0.05 4.07
CA GLY A 35 -2.21 0.73 2.90
C GLY A 35 -2.34 0.01 1.54
N LYS A 36 -2.94 0.71 0.57
CA LYS A 36 -2.97 0.38 -0.85
C LYS A 36 -1.75 0.98 -1.58
N CYS A 37 -1.19 0.25 -2.54
CA CYS A 37 -0.13 0.73 -3.43
C CYS A 37 -0.69 1.36 -4.72
N ASP A 38 0.00 2.37 -5.27
CA ASP A 38 -0.35 3.05 -6.53
C ASP A 38 0.88 3.58 -7.29
N ASP A 39 0.69 3.96 -8.55
CA ASP A 39 1.69 4.63 -9.40
C ASP A 39 1.93 6.12 -9.06
N PHE A 40 1.10 6.71 -8.19
CA PHE A 40 1.21 8.08 -7.70
C PHE A 40 1.31 8.17 -6.16
N LYS A 41 0.27 7.76 -5.43
CA LYS A 41 0.12 7.96 -3.97
C LYS A 41 -0.69 6.87 -3.28
N CYS A 42 -0.33 6.56 -2.03
CA CYS A 42 -0.99 5.53 -1.22
C CYS A 42 -2.43 5.89 -0.84
N ASN A 43 -3.22 4.88 -0.46
CA ASN A 43 -4.54 5.04 0.14
C ASN A 43 -4.66 4.10 1.35
N CYS A 44 -4.64 4.65 2.57
CA CYS A 44 -4.79 3.87 3.81
C CYS A 44 -6.25 3.83 4.31
N ILE A 45 -6.77 2.63 4.53
CA ILE A 45 -8.19 2.36 4.85
C ILE A 45 -8.45 2.22 6.37
N LYS A 46 -9.43 2.96 6.88
CA LYS A 46 -10.00 2.88 8.25
C LYS A 46 -11.15 1.88 8.34
N LEU A 47 -11.39 1.34 9.54
CA LEU A 47 -12.53 0.46 9.85
C LEU A 47 -13.87 1.18 9.76
N LYS A 1 11.27 7.09 -25.08
CA LYS A 1 10.58 6.82 -23.80
C LYS A 1 11.19 5.61 -23.11
N ILE A 2 11.24 5.61 -21.77
CA ILE A 2 11.92 4.60 -20.93
C ILE A 2 10.95 3.61 -20.26
N LYS A 3 11.31 2.33 -20.17
CA LYS A 3 10.51 1.29 -19.48
C LYS A 3 10.46 1.50 -17.96
N SER A 4 9.26 1.50 -17.38
CA SER A 4 9.01 1.66 -15.93
C SER A 4 8.09 0.55 -15.40
N GLY A 5 8.45 -0.04 -14.25
CA GLY A 5 7.71 -1.15 -13.61
C GLY A 5 7.99 -2.52 -14.22
N TRP A 6 8.02 -3.56 -13.38
CA TRP A 6 8.29 -4.96 -13.76
C TRP A 6 7.03 -5.74 -14.16
N GLU A 7 7.16 -6.96 -14.67
CA GLU A 7 6.04 -7.76 -15.21
C GLU A 7 5.34 -8.72 -14.21
N ARG A 8 5.60 -8.61 -12.90
CA ARG A 8 5.17 -9.59 -11.88
C ARG A 8 4.36 -8.98 -10.72
N LEU A 9 3.68 -9.83 -9.93
CA LEU A 9 2.87 -9.43 -8.76
C LEU A 9 3.72 -8.77 -7.66
N THR A 10 3.16 -7.77 -6.97
CA THR A 10 3.90 -6.90 -6.02
C THR A 10 4.07 -7.47 -4.60
N SER A 11 3.26 -8.44 -4.19
CA SER A 11 3.36 -9.12 -2.89
C SER A 11 2.67 -10.49 -2.88
N GLU A 12 3.16 -11.40 -2.04
CA GLU A 12 2.52 -12.68 -1.70
C GLU A 12 1.34 -12.52 -0.69
N SER A 13 1.12 -11.31 -0.14
CA SER A 13 0.07 -11.01 0.85
C SER A 13 -0.84 -9.87 0.39
N GLU A 14 -2.14 -10.06 0.60
CA GLU A 14 -3.21 -9.09 0.31
C GLU A 14 -3.21 -7.88 1.28
N TYR A 15 -2.64 -8.04 2.47
CA TYR A 15 -2.73 -7.09 3.59
C TYR A 15 -1.36 -6.58 4.11
N ALA A 16 -0.26 -6.95 3.44
CA ALA A 16 1.09 -6.51 3.78
C ALA A 16 2.01 -6.45 2.55
N CYS A 17 2.74 -5.35 2.38
CA CYS A 17 3.51 -5.04 1.17
C CYS A 17 5.03 -4.83 1.42
N PRO A 18 5.93 -5.50 0.68
CA PRO A 18 7.37 -5.20 0.69
C PRO A 18 7.71 -3.92 -0.10
N ALA A 19 7.01 -3.69 -1.21
CA ALA A 19 7.21 -2.62 -2.19
C ALA A 19 6.54 -1.28 -1.79
N ILE A 20 6.69 -0.88 -0.53
CA ILE A 20 5.97 0.22 0.12
C ILE A 20 6.89 1.32 0.62
N ASP A 21 6.37 2.53 0.83
CA ASP A 21 7.10 3.56 1.55
C ASP A 21 7.16 3.20 3.05
N LYS A 22 8.37 3.08 3.60
CA LYS A 22 8.60 2.72 5.01
C LYS A 22 8.16 3.79 6.01
N PHE A 23 7.76 4.97 5.54
CA PHE A 23 7.10 6.01 6.35
C PHE A 23 5.56 5.99 6.21
N CYS A 24 5.02 5.44 5.12
CA CYS A 24 3.59 5.16 4.95
C CYS A 24 3.16 3.93 5.75
N GLU A 25 3.91 2.82 5.68
CA GLU A 25 3.57 1.57 6.38
C GLU A 25 3.60 1.72 7.91
N ASP A 26 4.40 2.67 8.40
CA ASP A 26 4.50 3.04 9.80
C ASP A 26 3.33 3.95 10.25
N HIS A 27 2.93 4.90 9.42
CA HIS A 27 1.78 5.81 9.66
C HIS A 27 0.46 5.04 9.65
N CYS A 28 0.17 4.27 8.60
CA CYS A 28 -1.10 3.55 8.51
C CYS A 28 -1.25 2.46 9.58
N ALA A 29 -0.16 1.80 9.99
CA ALA A 29 -0.17 0.91 11.16
C ALA A 29 -0.51 1.64 12.47
N ALA A 30 0.00 2.86 12.68
CA ALA A 30 -0.35 3.69 13.83
C ALA A 30 -1.82 4.18 13.78
N LYS A 31 -2.34 4.48 12.59
CA LYS A 31 -3.76 4.82 12.34
C LYS A 31 -4.74 3.62 12.40
N LYS A 32 -4.21 2.40 12.45
CA LYS A 32 -4.96 1.13 12.33
C LYS A 32 -5.74 1.00 11.02
N ALA A 33 -4.99 1.20 9.93
CA ALA A 33 -5.42 1.15 8.54
C ALA A 33 -4.44 0.32 7.68
N VAL A 34 -4.88 -0.16 6.52
CA VAL A 34 -4.07 -0.92 5.55
C VAL A 34 -4.21 -0.33 4.16
N GLY A 35 -3.09 -0.21 3.43
CA GLY A 35 -3.02 0.53 2.18
C GLY A 35 -2.47 -0.23 0.98
N LYS A 36 -2.56 0.43 -0.18
CA LYS A 36 -2.19 -0.09 -1.50
C LYS A 36 -0.68 -0.28 -1.59
N CYS A 37 -0.25 -1.36 -2.25
CA CYS A 37 1.16 -1.75 -2.37
C CYS A 37 1.92 -0.92 -3.42
N ASP A 38 2.03 0.40 -3.22
CA ASP A 38 2.69 1.34 -4.15
C ASP A 38 3.46 2.42 -3.38
N ASP A 39 4.79 2.38 -3.45
CA ASP A 39 5.68 3.33 -2.78
C ASP A 39 5.60 4.78 -3.29
N PHE A 40 5.11 4.99 -4.50
CA PHE A 40 4.77 6.33 -5.02
C PHE A 40 3.40 6.86 -4.55
N LYS A 41 2.47 5.97 -4.15
CA LYS A 41 1.07 6.34 -3.82
C LYS A 41 0.55 5.64 -2.56
N CYS A 42 0.87 6.22 -1.41
CA CYS A 42 0.31 5.82 -0.12
C CYS A 42 -1.19 6.18 -0.06
N ASN A 43 -2.06 5.18 0.05
CA ASN A 43 -3.51 5.32 0.23
C ASN A 43 -4.00 4.15 1.10
N CYS A 44 -4.65 4.44 2.23
CA CYS A 44 -5.00 3.46 3.27
C CYS A 44 -6.49 3.50 3.65
N ILE A 45 -7.02 2.37 4.13
CA ILE A 45 -8.40 2.19 4.58
C ILE A 45 -8.42 1.68 6.04
N LYS A 46 -9.25 2.29 6.88
CA LYS A 46 -9.47 1.93 8.30
C LYS A 46 -10.05 0.50 8.44
N LEU A 47 -9.51 -0.27 9.39
CA LEU A 47 -9.96 -1.64 9.70
C LEU A 47 -10.92 -1.71 10.88
#